data_2ERP
#
_entry.id   2ERP
#
_cell.length_a   86.345
_cell.length_b   91.379
_cell.length_c   136.039
_cell.angle_alpha   90.00
_cell.angle_beta   90.00
_cell.angle_gamma   90.00
#
_symmetry.space_group_name_H-M   'P 21 21 21'
#
loop_
_entity.id
_entity.type
_entity.pdbx_description
1 polymer 'vascular apoptosis-inducing protein 1'
2 branched 2-acetamido-2-deoxy-beta-D-glucopyranose-(1-4)-2-acetamido-2-deoxy-beta-D-glucopyranose
3 non-polymer 'ZINC ION'
4 non-polymer 'CALCIUM ION'
5 non-polymer 'COBALT (III) ION'
6 non-polymer 3-(N-HYDROXYCARBOXAMIDO)-2-ISOBUTYLPROPANOYL-TRP-METHYLAMIDE
7 water water
#
_entity_poly.entity_id   1
_entity_poly.type   'polypeptide(L)'
_entity_poly.pdbx_seq_one_letter_code
;QSNLTPEQQRYLNAKKYVKLFLVADYIMYLKYGRNLTAVRTRMYDIVNVITPIYHRMNIHVALVGLEIWSNTDKIIVQSS
ADVTLDLFAKWRATDLLSRKSHDNAQLLTGINFNGPTAGLGYLGGICNTMYSAGIVQDHSKIHHLVAIAMAHEMGHNLGM
DHDKDTCTCGTRPCVMAGALSCEASFLFSDCSQKDHREFLIKNMPQCILKKPLKTDVVSPAVCGNYFVEVGEECDCGSPR
TCRDPCCDATTCKLRQGAQCAEGLCCDQCRFKGAGTECRAAKDECDMADVCTGRSAECTDRFQRNGQPCKNNNGYCYNGK
CPIMADQCIALFGPGATVSQDACFQFNREGNHYGYCRKEQNTKIACEPQDVKCGRLYCFPNSPENKNPCNIYYSPNDEDK
GMVLPGTKCADRKACSNGQCVDVTTPY
;
_entity_poly.pdbx_strand_id   A,B
#
# COMPACT_ATOMS: atom_id res chain seq x y z
N SER A 2 -19.42 42.46 4.53
CA SER A 2 -17.96 42.68 4.34
C SER A 2 -17.26 42.94 5.67
N ASN A 3 -18.03 43.40 6.65
CA ASN A 3 -17.48 43.67 7.98
C ASN A 3 -17.45 42.41 8.82
N LEU A 4 -16.76 42.50 9.95
CA LEU A 4 -16.62 41.35 10.85
C LEU A 4 -17.19 41.70 12.22
N THR A 5 -18.12 40.90 12.71
CA THR A 5 -18.73 41.13 14.02
C THR A 5 -17.76 40.76 15.14
N PRO A 6 -17.93 41.35 16.34
CA PRO A 6 -17.08 41.08 17.49
C PRO A 6 -16.90 39.58 17.75
N GLU A 7 -18.01 38.87 17.79
CA GLU A 7 -18.00 37.43 18.04
C GLU A 7 -17.22 36.68 16.96
N GLN A 8 -17.28 37.17 15.73
CA GLN A 8 -16.58 36.54 14.61
C GLN A 8 -15.08 36.74 14.74
N GLN A 9 -14.66 38.00 14.86
CA GLN A 9 -13.24 38.33 14.99
C GLN A 9 -12.70 37.60 16.21
N ARG A 10 -13.49 37.65 17.30
CA ARG A 10 -13.13 37.00 18.55
C ARG A 10 -12.90 35.50 18.31
N TYR A 11 -13.77 34.90 17.51
CA TYR A 11 -13.67 33.48 17.18
C TYR A 11 -12.43 33.24 16.32
N LEU A 12 -12.28 34.02 15.26
CA LEU A 12 -11.15 33.89 14.35
C LEU A 12 -9.83 33.92 15.10
N ASN A 13 -9.68 34.87 16.02
CA ASN A 13 -8.45 35.00 16.79
C ASN A 13 -8.17 33.80 17.68
N ALA A 14 -9.23 33.21 18.22
CA ALA A 14 -9.09 32.06 19.10
C ALA A 14 -8.21 30.98 18.49
N LYS A 15 -7.31 30.45 19.30
CA LYS A 15 -6.40 29.40 18.86
C LYS A 15 -7.25 28.15 18.58
N LYS A 16 -7.07 27.57 17.39
CA LYS A 16 -7.85 26.38 17.02
C LYS A 16 -7.18 25.05 17.30
N TYR A 17 -7.97 24.09 17.78
CA TYR A 17 -7.47 22.76 18.07
C TYR A 17 -8.32 21.70 17.38
N VAL A 18 -7.69 20.61 16.98
CA VAL A 18 -8.40 19.52 16.34
C VAL A 18 -8.03 18.21 17.03
N LYS A 19 -8.90 17.80 17.96
CA LYS A 19 -8.70 16.56 18.68
C LYS A 19 -9.09 15.44 17.74
N LEU A 20 -8.08 14.87 17.08
CA LEU A 20 -8.29 13.81 16.12
C LEU A 20 -8.26 12.41 16.70
N PHE A 21 -9.12 11.56 16.16
CA PHE A 21 -9.22 10.17 16.59
C PHE A 21 -8.99 9.34 15.33
N LEU A 22 -7.98 8.48 15.35
CA LEU A 22 -7.69 7.64 14.19
C LEU A 22 -8.14 6.21 14.40
N VAL A 23 -8.56 5.58 13.31
CA VAL A 23 -9.00 4.19 13.37
C VAL A 23 -8.35 3.40 12.24
N ALA A 24 -7.76 2.26 12.59
CA ALA A 24 -7.12 1.39 11.61
C ALA A 24 -7.96 0.13 11.47
N ASP A 25 -8.16 -0.33 10.24
CA ASP A 25 -8.96 -1.53 10.00
C ASP A 25 -8.14 -2.82 10.10
N TYR A 26 -8.81 -3.96 10.01
CA TYR A 26 -8.14 -5.25 10.12
C TYR A 26 -7.05 -5.44 9.08
N ILE A 27 -7.27 -4.96 7.85
CA ILE A 27 -6.27 -5.12 6.80
C ILE A 27 -4.99 -4.39 7.21
N MET A 28 -5.13 -3.22 7.83
CA MET A 28 -3.95 -2.47 8.28
C MET A 28 -3.18 -3.36 9.25
N TYR A 29 -3.93 -4.05 10.10
CA TYR A 29 -3.34 -4.94 11.09
C TYR A 29 -2.51 -6.04 10.40
N LEU A 30 -3.09 -6.66 9.37
CA LEU A 30 -2.39 -7.72 8.65
C LEU A 30 -1.32 -7.12 7.75
N LYS A 31 -1.61 -5.96 7.17
CA LYS A 31 -0.68 -5.28 6.28
C LYS A 31 0.64 -5.01 6.98
N TYR A 32 0.60 -4.87 8.30
CA TYR A 32 1.81 -4.61 9.06
C TYR A 32 2.22 -5.77 9.95
N GLY A 33 1.99 -6.98 9.48
CA GLY A 33 2.35 -8.18 10.21
C GLY A 33 1.80 -8.32 11.61
N ARG A 34 0.52 -8.04 11.80
CA ARG A 34 -0.11 -8.16 13.12
C ARG A 34 0.79 -7.56 14.18
N ASN A 35 1.41 -6.43 13.87
CA ASN A 35 2.31 -5.74 14.79
C ASN A 35 1.69 -4.42 15.21
N LEU A 36 0.96 -4.41 16.32
CA LEU A 36 0.31 -3.20 16.80
C LEU A 36 1.28 -2.03 16.88
N THR A 37 2.51 -2.28 17.33
CA THR A 37 3.50 -1.23 17.44
C THR A 37 3.74 -0.60 16.08
N ALA A 38 3.80 -1.45 15.06
CA ALA A 38 4.02 -0.97 13.70
C ALA A 38 2.84 -0.12 13.23
N VAL A 39 1.63 -0.63 13.46
CA VAL A 39 0.43 0.10 13.05
C VAL A 39 0.34 1.43 13.77
N ARG A 40 0.63 1.44 15.07
CA ARG A 40 0.60 2.67 15.84
C ARG A 40 1.65 3.64 15.31
N THR A 41 2.85 3.12 15.09
CA THR A 41 3.96 3.92 14.58
C THR A 41 3.55 4.56 13.26
N ARG A 42 2.88 3.79 12.43
CA ARG A 42 2.41 4.26 11.13
C ARG A 42 1.51 5.47 11.35
N MET A 43 0.48 5.28 12.15
CA MET A 43 -0.46 6.35 12.46
C MET A 43 0.24 7.54 13.08
N TYR A 44 1.26 7.26 13.90
CA TYR A 44 2.02 8.31 14.55
C TYR A 44 2.80 9.12 13.52
N ASP A 45 3.50 8.43 12.61
CA ASP A 45 4.28 9.12 11.58
C ASP A 45 3.36 10.01 10.76
N ILE A 46 2.18 9.50 10.44
CA ILE A 46 1.22 10.25 9.65
C ILE A 46 0.81 11.54 10.36
N VAL A 47 0.51 11.44 11.65
CA VAL A 47 0.11 12.61 12.41
C VAL A 47 1.28 13.59 12.50
N ASN A 48 2.50 13.07 12.44
CA ASN A 48 3.70 13.91 12.50
C ASN A 48 3.85 14.79 11.27
N VAL A 49 3.24 14.37 10.17
CA VAL A 49 3.30 15.14 8.94
C VAL A 49 2.09 16.07 8.84
N ILE A 50 0.97 15.61 9.36
CA ILE A 50 -0.27 16.39 9.34
C ILE A 50 -0.11 17.64 10.19
N THR A 51 0.19 17.44 11.48
CA THR A 51 0.36 18.54 12.43
C THR A 51 1.04 19.78 11.86
N PRO A 52 2.29 19.63 11.38
CA PRO A 52 2.98 20.80 10.81
C PRO A 52 2.23 21.43 9.64
N ILE A 53 1.53 20.61 8.87
CA ILE A 53 0.77 21.12 7.72
C ILE A 53 -0.33 22.05 8.21
N TYR A 54 -1.12 21.57 9.16
CA TYR A 54 -2.22 22.36 9.69
C TYR A 54 -1.85 23.49 10.64
N HIS A 55 -0.63 23.46 11.18
CA HIS A 55 -0.25 24.53 12.09
C HIS A 55 -0.20 25.84 11.33
N ARG A 56 0.24 25.79 10.08
CA ARG A 56 0.30 26.99 9.26
C ARG A 56 -1.11 27.58 9.14
N MET A 57 -2.10 26.81 9.57
CA MET A 57 -3.49 27.23 9.54
C MET A 57 -4.00 27.57 10.92
N ASN A 58 -3.08 27.79 11.85
CA ASN A 58 -3.44 28.11 13.23
C ASN A 58 -4.25 26.97 13.82
N ILE A 59 -4.11 25.79 13.23
CA ILE A 59 -4.83 24.62 13.69
C ILE A 59 -3.87 23.60 14.28
N HIS A 60 -4.06 23.28 15.56
CA HIS A 60 -3.20 22.33 16.25
C HIS A 60 -3.87 20.96 16.30
N VAL A 61 -3.36 20.04 15.48
CA VAL A 61 -3.91 18.69 15.44
C VAL A 61 -3.33 17.90 16.60
N ALA A 62 -4.20 17.24 17.35
CA ALA A 62 -3.77 16.44 18.49
C ALA A 62 -4.49 15.09 18.52
N LEU A 63 -3.72 14.02 18.49
CA LEU A 63 -4.28 12.68 18.51
C LEU A 63 -4.75 12.34 19.92
N VAL A 64 -6.07 12.38 20.11
CA VAL A 64 -6.66 12.09 21.42
C VAL A 64 -7.28 10.69 21.47
N GLY A 65 -6.96 9.86 20.49
CA GLY A 65 -7.51 8.52 20.46
C GLY A 65 -7.04 7.70 19.27
N LEU A 66 -6.82 6.42 19.52
CA LEU A 66 -6.36 5.50 18.48
C LEU A 66 -6.98 4.12 18.73
N GLU A 67 -7.72 3.62 17.74
CA GLU A 67 -8.36 2.33 17.87
C GLU A 67 -8.02 1.44 16.68
N ILE A 68 -7.35 0.32 16.95
CA ILE A 68 -6.97 -0.62 15.90
C ILE A 68 -7.84 -1.87 15.95
N TRP A 69 -8.57 -2.11 14.87
CA TRP A 69 -9.46 -3.26 14.78
C TRP A 69 -8.67 -4.54 14.51
N SER A 70 -7.75 -4.86 15.41
CA SER A 70 -6.89 -6.03 15.29
C SER A 70 -7.63 -7.36 15.39
N ASN A 71 -8.87 -7.34 15.88
CA ASN A 71 -9.63 -8.57 16.00
C ASN A 71 -10.62 -8.71 14.84
N THR A 72 -11.42 -7.67 14.63
CA THR A 72 -12.41 -7.65 13.57
C THR A 72 -12.84 -6.21 13.31
N ASP A 73 -13.27 -5.93 12.08
CA ASP A 73 -13.71 -4.59 11.73
C ASP A 73 -15.08 -4.34 12.37
N LYS A 74 -15.30 -3.10 12.82
CA LYS A 74 -16.57 -2.74 13.44
C LYS A 74 -17.61 -2.46 12.37
N ILE A 75 -17.15 -2.22 11.15
CA ILE A 75 -18.04 -1.94 10.02
C ILE A 75 -17.54 -2.78 8.85
N ILE A 76 -18.36 -2.90 7.82
CA ILE A 76 -17.95 -3.67 6.65
C ILE A 76 -17.20 -2.76 5.69
N VAL A 77 -15.88 -2.77 5.80
CA VAL A 77 -15.03 -1.95 4.95
C VAL A 77 -15.01 -2.53 3.54
N GLN A 78 -15.67 -1.85 2.61
CA GLN A 78 -15.73 -2.30 1.22
C GLN A 78 -14.87 -1.44 0.32
N SER A 79 -14.68 -1.88 -0.91
CA SER A 79 -13.88 -1.15 -1.88
C SER A 79 -14.60 0.13 -2.29
N SER A 80 -15.85 0.27 -1.84
CA SER A 80 -16.64 1.46 -2.15
C SER A 80 -16.42 2.55 -1.10
N ALA A 81 -15.56 3.51 -1.42
CA ALA A 81 -15.26 4.60 -0.50
C ALA A 81 -16.53 5.25 0.01
N ASP A 82 -17.43 5.60 -0.91
CA ASP A 82 -18.69 6.24 -0.57
C ASP A 82 -19.48 5.48 0.48
N VAL A 83 -19.53 4.16 0.35
CA VAL A 83 -20.27 3.34 1.31
C VAL A 83 -19.51 3.17 2.61
N THR A 84 -18.18 3.18 2.54
CA THR A 84 -17.35 3.04 3.72
C THR A 84 -17.41 4.31 4.55
N LEU A 85 -17.40 5.46 3.87
CA LEU A 85 -17.46 6.74 4.55
C LEU A 85 -18.76 6.85 5.34
N ASP A 86 -19.84 6.36 4.75
CA ASP A 86 -21.14 6.41 5.39
C ASP A 86 -21.21 5.44 6.58
N LEU A 87 -20.72 4.22 6.37
CA LEU A 87 -20.72 3.21 7.42
C LEU A 87 -19.88 3.65 8.62
N PHE A 88 -18.72 4.24 8.33
CA PHE A 88 -17.82 4.71 9.37
C PHE A 88 -18.38 5.94 10.06
N ALA A 89 -18.90 6.88 9.27
CA ALA A 89 -19.48 8.10 9.81
C ALA A 89 -20.62 7.79 10.77
N LYS A 90 -21.38 6.75 10.47
CA LYS A 90 -22.50 6.36 11.32
C LYS A 90 -22.02 5.57 12.53
N TRP A 91 -20.97 4.78 12.33
CA TRP A 91 -20.40 3.99 13.42
C TRP A 91 -19.86 4.94 14.47
N ARG A 92 -19.13 5.95 14.02
CA ARG A 92 -18.56 6.95 14.90
C ARG A 92 -19.66 7.62 15.71
N ALA A 93 -20.64 8.16 15.01
CA ALA A 93 -21.76 8.84 15.63
C ALA A 93 -22.53 7.93 16.58
N THR A 94 -22.38 6.63 16.42
CA THR A 94 -23.09 5.66 17.25
C THR A 94 -22.22 4.99 18.32
N ASP A 95 -21.18 4.29 17.90
CA ASP A 95 -20.31 3.57 18.82
C ASP A 95 -19.13 4.37 19.38
N LEU A 96 -18.41 5.07 18.51
CA LEU A 96 -17.23 5.83 18.94
C LEU A 96 -17.49 7.01 19.89
N LEU A 97 -18.23 8.01 19.42
CA LEU A 97 -18.53 9.19 20.23
C LEU A 97 -19.09 8.84 21.61
N SER A 98 -19.79 7.71 21.70
CA SER A 98 -20.38 7.28 22.96
C SER A 98 -19.32 6.73 23.91
N ARG A 99 -18.14 6.43 23.38
CA ARG A 99 -17.07 5.89 24.20
C ARG A 99 -15.97 6.92 24.49
N LYS A 100 -15.70 7.79 23.52
CA LYS A 100 -14.71 8.84 23.70
C LYS A 100 -15.02 10.08 22.87
N SER A 101 -14.82 11.24 23.48
CA SER A 101 -15.08 12.51 22.82
C SER A 101 -13.89 12.94 21.97
N HIS A 102 -14.18 13.44 20.77
CA HIS A 102 -13.15 13.91 19.85
C HIS A 102 -13.80 14.84 18.83
N ASP A 103 -13.00 15.70 18.21
CA ASP A 103 -13.50 16.64 17.23
C ASP A 103 -13.69 16.05 15.84
N ASN A 104 -12.86 15.07 15.51
CA ASN A 104 -12.92 14.47 14.18
C ASN A 104 -12.20 13.13 14.14
N ALA A 105 -12.77 12.18 13.39
CA ALA A 105 -12.18 10.86 13.27
C ALA A 105 -11.84 10.54 11.82
N GLN A 106 -10.75 9.79 11.63
CA GLN A 106 -10.31 9.40 10.30
C GLN A 106 -10.05 7.90 10.26
N LEU A 107 -10.65 7.23 9.29
CA LEU A 107 -10.46 5.79 9.15
C LEU A 107 -9.33 5.49 8.17
N LEU A 108 -8.22 4.97 8.69
CA LEU A 108 -7.09 4.61 7.86
C LEU A 108 -7.20 3.13 7.54
N THR A 109 -7.53 2.82 6.28
CA THR A 109 -7.70 1.43 5.87
C THR A 109 -6.72 0.98 4.81
N GLY A 110 -6.31 -0.29 4.89
CA GLY A 110 -5.38 -0.83 3.91
C GLY A 110 -6.11 -1.37 2.70
N ILE A 111 -7.43 -1.27 2.71
CA ILE A 111 -8.24 -1.74 1.60
C ILE A 111 -8.09 -0.77 0.42
N ASN A 112 -8.25 -1.28 -0.79
CA ASN A 112 -8.14 -0.45 -1.98
C ASN A 112 -9.50 0.02 -2.46
N PHE A 113 -9.69 1.32 -2.51
CA PHE A 113 -10.97 1.87 -2.96
C PHE A 113 -11.07 1.80 -4.47
N ASN A 114 -12.28 1.54 -4.96
CA ASN A 114 -12.53 1.45 -6.39
C ASN A 114 -12.19 2.77 -7.08
N GLY A 115 -11.54 2.68 -8.23
CA GLY A 115 -11.17 3.87 -8.95
C GLY A 115 -9.94 4.53 -8.36
N PRO A 116 -9.60 5.75 -8.81
CA PRO A 116 -8.43 6.49 -8.32
C PRO A 116 -8.58 7.04 -6.89
N THR A 117 -9.81 7.13 -6.40
CA THR A 117 -10.04 7.65 -5.06
C THR A 117 -9.13 7.02 -4.02
N ALA A 118 -8.47 7.86 -3.22
CA ALA A 118 -7.54 7.40 -2.19
C ALA A 118 -8.01 7.87 -0.82
N GLY A 119 -9.20 8.45 -0.77
CA GLY A 119 -9.74 8.94 0.49
C GLY A 119 -11.03 9.71 0.27
N LEU A 120 -11.71 10.04 1.37
CA LEU A 120 -12.96 10.77 1.27
C LEU A 120 -13.29 11.43 2.61
N GLY A 121 -13.97 12.57 2.57
CA GLY A 121 -14.32 13.27 3.80
C GLY A 121 -15.38 14.32 3.58
N TYR A 122 -16.44 14.27 4.39
CA TYR A 122 -17.55 15.22 4.30
C TYR A 122 -17.11 16.68 4.30
N LEU A 123 -17.75 17.48 3.45
CA LEU A 123 -17.44 18.89 3.33
C LEU A 123 -17.97 19.69 4.51
N GLY A 124 -17.08 20.46 5.15
CA GLY A 124 -17.46 21.28 6.28
C GLY A 124 -18.23 20.52 7.36
N GLY A 125 -17.78 19.31 7.67
CA GLY A 125 -18.47 18.52 8.68
C GLY A 125 -17.75 18.49 10.02
N ILE A 126 -16.76 19.34 10.18
CA ILE A 126 -15.99 19.40 11.41
C ILE A 126 -16.90 19.61 12.62
N CYS A 127 -16.63 18.87 13.70
CA CYS A 127 -17.40 18.96 14.93
C CYS A 127 -18.76 18.27 14.86
N ASN A 128 -19.26 18.04 13.65
CA ASN A 128 -20.56 17.39 13.50
C ASN A 128 -20.46 15.92 13.88
N THR A 129 -21.31 15.50 14.80
CA THR A 129 -21.31 14.12 15.27
C THR A 129 -21.57 13.09 14.16
N MET A 130 -22.23 13.52 13.09
CA MET A 130 -22.54 12.63 11.99
C MET A 130 -21.69 12.85 10.74
N TYR A 131 -20.96 13.96 10.70
CA TYR A 131 -20.16 14.26 9.51
C TYR A 131 -18.70 14.68 9.72
N SER A 132 -18.25 14.73 10.97
CA SER A 132 -16.85 15.09 11.19
C SER A 132 -16.02 13.84 11.08
N ALA A 133 -16.03 13.24 9.90
CA ALA A 133 -15.28 12.02 9.64
C ALA A 133 -14.68 12.02 8.25
N GLY A 134 -13.79 11.05 8.02
CA GLY A 134 -13.14 10.92 6.74
C GLY A 134 -12.45 9.56 6.67
N ILE A 135 -12.27 9.05 5.45
CA ILE A 135 -11.60 7.77 5.25
C ILE A 135 -10.41 7.96 4.34
N VAL A 136 -9.26 7.42 4.75
CA VAL A 136 -8.04 7.53 3.98
C VAL A 136 -7.46 6.16 3.68
N GLN A 137 -6.93 6.00 2.47
CA GLN A 137 -6.33 4.72 2.10
C GLN A 137 -4.83 4.80 2.29
N ASP A 138 -4.26 3.80 2.95
CA ASP A 138 -2.83 3.73 3.18
C ASP A 138 -2.26 3.28 1.84
N HIS A 139 -2.72 3.94 0.78
CA HIS A 139 -2.34 3.65 -0.60
C HIS A 139 -0.86 3.60 -0.95
N SER A 140 -0.08 4.52 -0.42
CA SER A 140 1.35 4.55 -0.71
C SER A 140 2.16 3.94 0.42
N LYS A 141 3.40 3.56 0.13
CA LYS A 141 4.27 2.99 1.15
C LYS A 141 4.88 4.17 1.90
N ILE A 142 5.02 5.29 1.19
CA ILE A 142 5.56 6.52 1.75
C ILE A 142 4.48 7.20 2.57
N HIS A 143 4.60 7.14 3.89
CA HIS A 143 3.61 7.73 4.77
C HIS A 143 3.37 9.21 4.51
N HIS A 144 4.30 9.84 3.81
CA HIS A 144 4.18 11.26 3.49
C HIS A 144 2.95 11.53 2.61
N LEU A 145 2.73 10.66 1.62
CA LEU A 145 1.59 10.81 0.73
C LEU A 145 0.28 10.41 1.39
N VAL A 146 0.36 9.53 2.38
CA VAL A 146 -0.81 9.10 3.10
C VAL A 146 -1.26 10.23 4.03
N ALA A 147 -0.28 11.01 4.48
CA ALA A 147 -0.55 12.14 5.36
C ALA A 147 -1.28 13.23 4.60
N ILE A 148 -0.77 13.56 3.41
CA ILE A 148 -1.40 14.58 2.59
C ILE A 148 -2.82 14.15 2.25
N ALA A 149 -3.00 12.84 2.09
CA ALA A 149 -4.31 12.30 1.78
C ALA A 149 -5.26 12.58 2.93
N MET A 150 -4.80 12.30 4.14
CA MET A 150 -5.60 12.51 5.33
C MET A 150 -5.83 14.01 5.56
N ALA A 151 -4.77 14.80 5.35
CA ALA A 151 -4.87 16.25 5.51
C ALA A 151 -5.92 16.77 4.53
N HIS A 152 -6.00 16.13 3.37
CA HIS A 152 -6.95 16.51 2.33
C HIS A 152 -8.38 16.29 2.80
N GLU A 153 -8.65 15.08 3.30
CA GLU A 153 -9.98 14.75 3.78
C GLU A 153 -10.35 15.67 4.93
N MET A 154 -9.43 15.84 5.87
CA MET A 154 -9.65 16.73 7.00
C MET A 154 -9.91 18.13 6.47
N GLY A 155 -9.25 18.45 5.36
CA GLY A 155 -9.42 19.75 4.74
C GLY A 155 -10.88 19.97 4.41
N HIS A 156 -11.50 18.95 3.81
CA HIS A 156 -12.91 19.05 3.46
C HIS A 156 -13.72 19.25 4.74
N ASN A 157 -13.43 18.43 5.74
CA ASN A 157 -14.11 18.53 7.02
C ASN A 157 -14.05 19.96 7.53
N LEU A 158 -13.00 20.68 7.14
CA LEU A 158 -12.81 22.06 7.57
C LEU A 158 -13.33 23.08 6.57
N GLY A 159 -14.28 22.65 5.75
CA GLY A 159 -14.88 23.54 4.77
C GLY A 159 -14.06 23.83 3.53
N MET A 160 -12.95 23.13 3.35
CA MET A 160 -12.11 23.35 2.18
C MET A 160 -12.53 22.48 1.01
N ASP A 161 -12.37 22.99 -0.21
CA ASP A 161 -12.75 22.27 -1.40
C ASP A 161 -11.57 22.15 -2.36
N HIS A 162 -11.70 21.28 -3.35
CA HIS A 162 -10.65 21.06 -4.34
C HIS A 162 -10.21 22.36 -5.01
N ASP A 163 -8.91 22.44 -5.31
CA ASP A 163 -8.36 23.63 -5.94
C ASP A 163 -8.65 23.74 -7.43
N LYS A 164 -8.86 24.98 -7.87
CA LYS A 164 -9.12 25.26 -9.28
C LYS A 164 -7.77 25.58 -9.90
N ASP A 165 -7.67 25.52 -11.22
CA ASP A 165 -6.40 25.79 -11.90
C ASP A 165 -5.90 27.21 -11.62
N THR A 166 -6.74 28.02 -10.97
CA THR A 166 -6.36 29.39 -10.66
C THR A 166 -5.78 29.50 -9.24
N CYS A 167 -5.87 28.42 -8.48
CA CYS A 167 -5.37 28.40 -7.11
C CYS A 167 -3.93 27.91 -7.06
N THR A 168 -3.10 28.55 -6.23
CA THR A 168 -1.71 28.16 -6.11
C THR A 168 -1.20 28.22 -4.67
N CYS A 169 -0.07 27.56 -4.46
CA CYS A 169 0.59 27.49 -3.16
C CYS A 169 2.08 27.32 -3.45
N GLY A 170 2.49 27.82 -4.61
CA GLY A 170 3.88 27.71 -5.03
C GLY A 170 3.92 27.04 -6.39
N THR A 171 4.95 26.24 -6.63
CA THR A 171 5.07 25.54 -7.91
C THR A 171 4.44 24.16 -7.81
N ARG A 172 4.55 23.54 -6.64
CA ARG A 172 3.99 22.22 -6.39
C ARG A 172 2.48 22.31 -6.13
N PRO A 173 1.75 21.21 -6.34
CA PRO A 173 0.30 21.20 -6.10
C PRO A 173 0.03 21.28 -4.60
N CYS A 174 -1.14 21.79 -4.23
CA CYS A 174 -1.50 21.95 -2.83
C CYS A 174 -2.25 20.75 -2.26
N VAL A 175 -2.44 20.75 -0.94
CA VAL A 175 -3.13 19.67 -0.25
C VAL A 175 -4.51 19.38 -0.83
N MET A 176 -5.28 20.44 -1.06
CA MET A 176 -6.63 20.28 -1.61
C MET A 176 -6.66 20.11 -3.11
N ALA A 177 -5.58 19.56 -3.66
CA ALA A 177 -5.50 19.33 -5.10
C ALA A 177 -6.34 18.09 -5.42
N GLY A 178 -7.13 18.19 -6.48
CA GLY A 178 -7.98 17.07 -6.86
C GLY A 178 -7.18 15.81 -7.14
N ALA A 179 -5.99 15.99 -7.72
CA ALA A 179 -5.12 14.88 -8.05
C ALA A 179 -3.96 14.80 -7.07
N LEU A 180 -3.67 13.60 -6.57
CA LEU A 180 -2.59 13.41 -5.64
C LEU A 180 -1.30 13.04 -6.36
N SER A 181 -0.39 14.01 -6.45
CA SER A 181 0.90 13.78 -7.11
C SER A 181 1.92 13.40 -6.05
N CYS A 182 2.80 12.45 -6.37
CA CYS A 182 3.81 12.03 -5.40
C CYS A 182 4.84 13.13 -5.20
N GLU A 183 4.56 14.29 -5.79
CA GLU A 183 5.42 15.45 -5.67
C GLU A 183 4.62 16.57 -4.99
N ALA A 184 3.47 16.19 -4.44
CA ALA A 184 2.59 17.13 -3.76
C ALA A 184 3.25 17.78 -2.56
N SER A 185 2.97 19.06 -2.37
CA SER A 185 3.54 19.80 -1.25
C SER A 185 2.63 19.69 -0.03
N PHE A 186 3.08 20.24 1.09
CA PHE A 186 2.30 20.20 2.32
C PHE A 186 1.67 21.56 2.62
N LEU A 187 1.39 22.33 1.57
CA LEU A 187 0.79 23.64 1.73
C LEU A 187 -0.64 23.72 1.21
N PHE A 188 -1.38 24.70 1.70
CA PHE A 188 -2.76 24.91 1.29
C PHE A 188 -2.83 26.08 0.31
N SER A 189 -3.57 25.89 -0.78
CA SER A 189 -3.71 26.93 -1.79
C SER A 189 -4.39 28.16 -1.24
N ASP A 190 -4.20 29.29 -1.92
CA ASP A 190 -4.81 30.54 -1.50
C ASP A 190 -6.33 30.41 -1.43
N CYS A 191 -6.90 29.61 -2.33
CA CYS A 191 -8.34 29.38 -2.35
C CYS A 191 -8.74 28.60 -1.11
N SER A 192 -7.99 27.53 -0.85
CA SER A 192 -8.24 26.68 0.31
C SER A 192 -8.30 27.52 1.58
N GLN A 193 -7.29 28.36 1.77
CA GLN A 193 -7.22 29.22 2.94
C GLN A 193 -8.42 30.17 3.07
N LYS A 194 -8.91 30.67 1.94
CA LYS A 194 -10.05 31.58 2.00
C LYS A 194 -11.35 30.84 2.31
N ASP A 195 -11.62 29.77 1.57
CA ASP A 195 -12.82 28.99 1.82
C ASP A 195 -12.88 28.63 3.30
N HIS A 196 -11.72 28.28 3.85
CA HIS A 196 -11.64 27.92 5.26
C HIS A 196 -12.11 29.08 6.12
N ARG A 197 -11.51 30.25 5.94
CA ARG A 197 -11.87 31.43 6.71
C ARG A 197 -13.37 31.65 6.63
N GLU A 198 -13.89 31.70 5.41
CA GLU A 198 -15.32 31.90 5.22
C GLU A 198 -16.10 30.86 6.01
N PHE A 199 -15.71 29.60 5.86
CA PHE A 199 -16.38 28.51 6.56
C PHE A 199 -16.46 28.78 8.06
N LEU A 200 -15.31 29.06 8.67
CA LEU A 200 -15.26 29.34 10.10
C LEU A 200 -16.12 30.54 10.50
N ILE A 201 -16.10 31.59 9.67
CA ILE A 201 -16.88 32.78 9.97
C ILE A 201 -18.38 32.53 9.92
N LYS A 202 -18.83 31.84 8.87
CA LYS A 202 -20.25 31.57 8.69
C LYS A 202 -20.74 30.32 9.43
N ASN A 203 -19.87 29.71 10.23
CA ASN A 203 -20.23 28.51 10.97
C ASN A 203 -19.74 28.53 12.41
N MET A 204 -18.45 28.80 12.58
CA MET A 204 -17.83 28.86 13.90
C MET A 204 -17.99 27.57 14.68
N PRO A 205 -17.47 26.46 14.14
CA PRO A 205 -17.57 25.17 14.86
C PRO A 205 -16.87 25.31 16.22
N GLN A 206 -17.66 25.24 17.28
CA GLN A 206 -17.16 25.39 18.64
C GLN A 206 -16.19 24.34 19.17
N CYS A 207 -16.43 23.08 18.84
CA CYS A 207 -15.57 22.01 19.35
C CYS A 207 -14.08 22.27 19.16
N ILE A 208 -13.71 22.85 18.02
CA ILE A 208 -12.30 23.12 17.74
C ILE A 208 -11.73 24.32 18.51
N LEU A 209 -12.49 24.83 19.47
CA LEU A 209 -12.03 25.95 20.28
C LEU A 209 -11.45 25.41 21.57
N LYS A 210 -11.92 24.23 21.97
CA LYS A 210 -11.47 23.58 23.18
C LYS A 210 -10.10 22.93 23.01
N LYS A 211 -9.19 23.25 23.92
CA LYS A 211 -7.84 22.70 23.88
C LYS A 211 -7.83 21.35 24.58
N PRO A 212 -7.10 20.38 24.04
CA PRO A 212 -7.04 19.05 24.66
C PRO A 212 -6.05 19.01 25.82
N LEU A 213 -6.46 18.43 26.94
CA LEU A 213 -5.60 18.32 28.10
C LEU A 213 -4.39 17.46 27.74
N LYS A 214 -3.22 17.88 28.17
CA LYS A 214 -1.99 17.14 27.87
C LYS A 214 -2.14 15.65 28.17
N THR A 215 -3.08 15.31 29.06
CA THR A 215 -3.30 13.92 29.42
C THR A 215 -4.25 13.20 28.47
N ASP A 216 -4.85 13.96 27.55
CA ASP A 216 -5.78 13.38 26.58
C ASP A 216 -5.08 12.94 25.31
N VAL A 217 -3.89 13.50 25.05
CA VAL A 217 -3.13 13.15 23.86
C VAL A 217 -2.56 11.73 23.99
N VAL A 218 -3.15 10.81 23.23
CA VAL A 218 -2.74 9.42 23.24
C VAL A 218 -1.45 9.15 22.47
N SER A 219 -0.97 10.17 21.75
CA SER A 219 0.24 10.02 20.96
C SER A 219 1.50 10.35 21.75
N PRO A 220 2.60 9.63 21.49
CA PRO A 220 3.88 9.83 22.15
C PRO A 220 4.39 11.26 21.99
N ALA A 221 4.81 11.86 23.10
CA ALA A 221 5.32 13.23 23.08
C ALA A 221 6.35 13.40 21.98
N VAL A 222 6.23 14.49 21.25
CA VAL A 222 7.16 14.80 20.15
C VAL A 222 7.56 16.26 20.22
N CYS A 223 8.82 16.51 20.55
CA CYS A 223 9.28 17.89 20.63
C CYS A 223 9.37 18.52 19.24
N GLY A 224 8.33 19.25 18.87
CA GLY A 224 8.30 19.90 17.58
C GLY A 224 6.93 19.83 16.93
N ASN A 225 5.97 19.23 17.65
CA ASN A 225 4.61 19.09 17.13
C ASN A 225 3.73 20.27 17.52
N TYR A 226 4.36 21.42 17.77
CA TYR A 226 3.65 22.64 18.14
C TYR A 226 2.64 22.46 19.26
N PHE A 227 2.78 21.40 20.04
CA PHE A 227 1.86 21.16 21.14
C PHE A 227 2.63 20.76 22.39
N VAL A 228 2.52 21.58 23.43
CA VAL A 228 3.22 21.30 24.68
C VAL A 228 2.61 20.09 25.38
N GLU A 229 3.26 18.96 25.22
CA GLU A 229 2.80 17.70 25.83
C GLU A 229 3.48 17.51 27.17
N VAL A 230 3.27 16.35 27.78
CA VAL A 230 3.86 16.04 29.07
C VAL A 230 5.39 16.00 28.96
N GLY A 231 6.06 16.69 29.86
CA GLY A 231 7.51 16.71 29.84
C GLY A 231 8.07 17.85 29.00
N GLU A 232 7.20 18.71 28.49
CA GLU A 232 7.63 19.83 27.68
C GLU A 232 7.21 21.15 28.31
N GLU A 233 8.06 22.17 28.16
CA GLU A 233 7.76 23.48 28.71
C GLU A 233 7.25 24.37 27.59
N CYS A 234 7.61 24.01 26.36
CA CYS A 234 7.20 24.78 25.18
C CYS A 234 7.53 23.97 23.92
N ASP A 235 6.90 24.34 22.82
CA ASP A 235 7.13 23.65 21.55
C ASP A 235 6.90 24.57 20.37
N CYS A 236 7.98 25.15 19.86
CA CYS A 236 7.91 26.06 18.73
C CYS A 236 8.12 25.33 17.40
N GLY A 237 7.84 24.03 17.40
CA GLY A 237 8.00 23.25 16.20
C GLY A 237 9.41 22.71 16.04
N SER A 238 9.74 22.25 14.84
CA SER A 238 11.07 21.71 14.57
C SER A 238 12.13 22.77 14.77
N PRO A 239 13.33 22.36 15.24
CA PRO A 239 14.43 23.29 15.48
C PRO A 239 14.79 24.08 14.22
N ARG A 240 14.46 23.51 13.07
CA ARG A 240 14.74 24.14 11.78
C ARG A 240 13.76 25.26 11.48
N THR A 241 12.48 25.04 11.78
CA THR A 241 11.44 26.03 11.50
C THR A 241 11.18 26.97 12.69
N CYS A 242 11.37 26.46 13.90
CA CYS A 242 11.14 27.25 15.12
C CYS A 242 11.63 28.68 14.98
N ARG A 243 10.76 29.63 15.33
CA ARG A 243 11.08 31.04 15.25
C ARG A 243 10.92 31.69 16.62
N ASP A 244 10.28 30.98 17.54
CA ASP A 244 10.06 31.49 18.89
C ASP A 244 11.40 31.71 19.61
N PRO A 245 11.66 32.97 20.03
CA PRO A 245 12.90 33.35 20.73
C PRO A 245 12.91 32.99 22.21
N CYS A 246 11.89 32.25 22.65
CA CYS A 246 11.80 31.87 24.06
C CYS A 246 11.99 30.38 24.27
N CYS A 247 11.77 29.61 23.21
CA CYS A 247 11.87 28.16 23.32
C CYS A 247 13.06 27.52 22.62
N ASP A 248 13.65 26.53 23.28
CA ASP A 248 14.76 25.80 22.72
C ASP A 248 14.14 24.65 21.95
N ALA A 249 13.89 24.88 20.67
CA ALA A 249 13.27 23.89 19.80
C ALA A 249 13.88 22.50 19.90
N THR A 250 15.13 22.43 20.32
CA THR A 250 15.81 21.16 20.45
C THR A 250 15.39 20.35 21.67
N THR A 251 15.23 21.02 22.81
CA THR A 251 14.85 20.35 24.04
C THR A 251 13.43 20.69 24.50
N CYS A 252 12.77 21.59 23.80
CA CYS A 252 11.42 22.00 24.16
C CYS A 252 11.41 22.53 25.59
N LYS A 253 12.45 23.29 25.91
CA LYS A 253 12.59 23.90 27.22
C LYS A 253 12.67 25.41 27.01
N LEU A 254 12.20 26.17 27.99
CA LEU A 254 12.26 27.63 27.88
C LEU A 254 13.74 28.01 27.94
N ARG A 255 14.12 29.05 27.22
CA ARG A 255 15.50 29.50 27.22
C ARG A 255 15.79 30.32 28.46
N GLN A 256 17.07 30.59 28.71
CA GLN A 256 17.48 31.34 29.88
C GLN A 256 16.86 32.74 29.92
N GLY A 257 16.20 33.05 31.03
CA GLY A 257 15.58 34.35 31.18
C GLY A 257 14.14 34.37 30.70
N ALA A 258 13.63 33.20 30.31
CA ALA A 258 12.27 33.08 29.81
C ALA A 258 11.36 32.43 30.84
N GLN A 259 10.15 32.98 31.00
CA GLN A 259 9.18 32.44 31.94
C GLN A 259 8.03 31.78 31.20
N CYS A 260 7.96 32.03 29.90
CA CYS A 260 6.88 31.48 29.07
C CYS A 260 7.16 31.72 27.60
N ALA A 261 6.33 31.14 26.73
CA ALA A 261 6.48 31.30 25.29
C ALA A 261 5.12 31.47 24.62
N GLU A 262 4.06 31.13 25.34
CA GLU A 262 2.69 31.23 24.83
C GLU A 262 1.75 31.71 25.92
N GLY A 263 0.71 32.44 25.53
CA GLY A 263 -0.24 32.93 26.50
C GLY A 263 -0.56 34.41 26.42
N LEU A 264 -1.83 34.75 26.60
CA LEU A 264 -2.29 36.14 26.55
C LEU A 264 -1.56 36.98 27.58
N CYS A 265 -1.05 36.32 28.62
CA CYS A 265 -0.34 37.01 29.67
C CYS A 265 1.17 36.82 29.55
N CYS A 266 1.61 36.44 28.36
CA CYS A 266 3.03 36.25 28.12
C CYS A 266 3.44 37.17 26.98
N ASP A 267 4.47 37.98 27.23
CA ASP A 267 4.98 38.91 26.24
C ASP A 267 6.50 38.90 26.27
N GLN A 268 7.10 38.69 25.11
CA GLN A 268 8.56 38.65 25.00
C GLN A 268 9.21 37.72 26.01
N CYS A 269 8.67 36.51 26.12
CA CYS A 269 9.18 35.48 27.03
C CYS A 269 8.93 35.76 28.50
N ARG A 270 8.26 36.87 28.79
CA ARG A 270 8.00 37.25 30.18
C ARG A 270 6.53 37.31 30.56
N PHE A 271 6.28 37.19 31.87
CA PHE A 271 4.92 37.26 32.40
C PHE A 271 4.51 38.72 32.39
N LYS A 272 3.32 39.02 31.88
CA LYS A 272 2.85 40.39 31.88
C LYS A 272 2.58 40.76 33.33
N GLY A 273 2.89 42.00 33.68
CA GLY A 273 2.68 42.46 35.04
C GLY A 273 1.28 42.25 35.56
N ALA A 274 1.18 41.87 36.83
CA ALA A 274 -0.11 41.65 37.47
C ALA A 274 -0.96 42.90 37.30
N GLY A 275 -2.25 42.71 37.05
CA GLY A 275 -3.14 43.84 36.88
C GLY A 275 -3.46 44.08 35.41
N THR A 276 -2.48 43.85 34.56
CA THR A 276 -2.64 44.04 33.12
C THR A 276 -3.86 43.29 32.60
N GLU A 277 -4.61 43.92 31.70
CA GLU A 277 -5.79 43.28 31.14
C GLU A 277 -5.37 42.35 30.00
N CYS A 278 -5.90 41.14 30.01
CA CYS A 278 -5.58 40.17 28.97
C CYS A 278 -6.79 39.70 28.18
N ARG A 279 -7.93 40.31 28.44
CA ARG A 279 -9.16 39.98 27.74
C ARG A 279 -10.31 40.86 28.21
N ALA A 280 -11.02 41.45 27.26
CA ALA A 280 -12.15 42.32 27.59
C ALA A 280 -13.39 41.49 27.83
N ALA A 281 -14.47 42.13 28.25
CA ALA A 281 -15.73 41.46 28.49
C ALA A 281 -16.51 41.37 27.18
N LYS A 282 -16.83 40.15 26.74
CA LYS A 282 -17.54 39.96 25.49
C LYS A 282 -19.01 40.37 25.62
N ASP A 283 -19.65 39.92 26.68
CA ASP A 283 -21.05 40.25 26.93
C ASP A 283 -21.22 40.99 28.25
N GLU A 284 -22.45 41.03 28.74
CA GLU A 284 -22.78 41.70 29.99
C GLU A 284 -22.56 40.77 31.18
N CYS A 285 -22.47 39.47 30.90
CA CYS A 285 -22.25 38.48 31.94
C CYS A 285 -20.78 38.13 32.04
N ASP A 286 -19.97 38.85 31.27
CA ASP A 286 -18.53 38.64 31.28
C ASP A 286 -17.84 39.76 32.03
N MET A 287 -16.69 39.44 32.63
CA MET A 287 -15.92 40.42 33.37
C MET A 287 -14.54 40.47 32.76
N ALA A 288 -14.00 41.67 32.56
CA ALA A 288 -12.67 41.82 31.98
C ALA A 288 -11.70 40.98 32.79
N ASP A 289 -10.83 40.26 32.09
CA ASP A 289 -9.84 39.41 32.75
C ASP A 289 -8.49 40.09 32.89
N VAL A 290 -7.81 39.79 33.98
CA VAL A 290 -6.51 40.38 34.27
C VAL A 290 -5.43 39.35 34.54
N CYS A 291 -4.19 39.69 34.18
CA CYS A 291 -3.06 38.79 34.39
C CYS A 291 -2.63 38.80 35.84
N THR A 292 -2.15 37.66 36.33
CA THR A 292 -1.70 37.55 37.72
C THR A 292 -0.26 38.01 37.86
N GLY A 293 0.46 38.03 36.75
CA GLY A 293 1.85 38.45 36.80
C GLY A 293 2.79 37.29 37.00
N ARG A 294 2.30 36.23 37.66
CA ARG A 294 3.11 35.05 37.92
C ARG A 294 2.60 33.86 37.11
N SER A 295 1.99 34.14 35.96
CA SER A 295 1.45 33.10 35.10
C SER A 295 1.29 33.61 33.67
N ALA A 296 1.37 32.70 32.71
CA ALA A 296 1.24 33.07 31.31
C ALA A 296 -0.21 33.00 30.82
N GLU A 297 -1.03 32.23 31.52
CA GLU A 297 -2.44 32.07 31.15
C GLU A 297 -3.30 33.23 31.61
N CYS A 298 -4.52 33.29 31.09
CA CYS A 298 -5.46 34.35 31.41
C CYS A 298 -6.83 33.75 31.71
N THR A 299 -7.07 33.40 32.97
CA THR A 299 -8.34 32.81 33.36
C THR A 299 -9.50 33.72 33.00
N ASP A 300 -10.51 33.15 32.35
CA ASP A 300 -11.68 33.91 31.93
C ASP A 300 -12.78 33.93 33.00
N ARG A 301 -12.71 34.92 33.88
CA ARG A 301 -13.70 35.08 34.94
C ARG A 301 -14.94 35.77 34.41
N PHE A 302 -16.05 35.64 35.14
CA PHE A 302 -17.31 36.24 34.72
C PHE A 302 -17.98 36.99 35.87
N GLN A 303 -19.19 37.46 35.61
CA GLN A 303 -19.97 38.16 36.61
C GLN A 303 -20.54 37.12 37.56
N ARG A 304 -20.81 37.50 38.81
CA ARG A 304 -21.36 36.57 39.77
C ARG A 304 -22.73 36.11 39.27
N ASN A 305 -22.98 34.80 39.38
CA ASN A 305 -24.26 34.26 38.94
C ASN A 305 -25.42 34.91 39.67
N GLY A 306 -26.26 35.61 38.91
CA GLY A 306 -27.41 36.29 39.49
C GLY A 306 -27.58 37.65 38.85
N GLN A 307 -26.49 38.19 38.33
CA GLN A 307 -26.49 39.49 37.67
C GLN A 307 -27.59 39.51 36.61
N PRO A 308 -28.45 40.54 36.65
CA PRO A 308 -29.54 40.65 35.67
C PRO A 308 -28.99 40.85 34.26
N CYS A 309 -29.55 40.11 33.30
CA CYS A 309 -29.11 40.20 31.92
C CYS A 309 -30.27 40.02 30.95
N LYS A 310 -30.02 40.34 29.68
CA LYS A 310 -31.04 40.22 28.64
C LYS A 310 -32.25 41.10 28.97
N ASN A 311 -31.98 42.36 29.30
CA ASN A 311 -33.05 43.29 29.63
C ASN A 311 -33.92 42.74 30.75
N ASN A 312 -33.27 42.15 31.76
CA ASN A 312 -33.97 41.58 32.91
C ASN A 312 -34.85 40.39 32.55
N ASN A 313 -34.41 39.57 31.60
CA ASN A 313 -35.19 38.40 31.20
C ASN A 313 -34.48 37.15 31.72
N GLY A 314 -33.25 37.32 32.18
CA GLY A 314 -32.49 36.21 32.70
C GLY A 314 -31.43 36.66 33.70
N TYR A 315 -30.80 35.69 34.36
CA TYR A 315 -29.76 35.98 35.34
C TYR A 315 -28.47 35.26 34.97
N CYS A 316 -27.37 36.00 34.92
CA CYS A 316 -26.08 35.44 34.55
C CYS A 316 -25.78 34.10 35.21
N TYR A 317 -25.24 33.17 34.42
CA TYR A 317 -24.90 31.84 34.92
C TYR A 317 -23.62 31.34 34.24
N ASN A 318 -22.50 31.47 34.95
CA ASN A 318 -21.20 31.03 34.45
C ASN A 318 -20.76 31.72 33.16
N GLY A 319 -21.07 33.00 33.04
CA GLY A 319 -20.68 33.75 31.86
C GLY A 319 -21.73 33.77 30.76
N LYS A 320 -22.85 33.10 31.01
CA LYS A 320 -23.94 33.05 30.04
C LYS A 320 -25.25 33.49 30.67
N CYS A 321 -26.19 33.91 29.82
CA CYS A 321 -27.50 34.34 30.28
C CYS A 321 -28.58 33.45 29.70
N PRO A 322 -28.72 32.22 30.26
CA PRO A 322 -29.71 31.25 29.80
C PRO A 322 -31.17 31.63 30.05
N ILE A 323 -31.93 31.80 28.97
CA ILE A 323 -33.35 32.14 29.06
C ILE A 323 -34.14 31.29 28.07
N MET A 324 -35.28 30.76 28.52
CA MET A 324 -36.12 29.91 27.69
C MET A 324 -36.36 30.52 26.32
N ALA A 325 -36.52 31.84 26.27
CA ALA A 325 -36.76 32.53 25.02
C ALA A 325 -35.79 32.09 23.92
N ASP A 326 -34.49 32.15 24.22
CA ASP A 326 -33.47 31.76 23.25
C ASP A 326 -33.34 30.24 23.15
N GLN A 327 -33.62 29.54 24.24
CA GLN A 327 -33.53 28.08 24.25
C GLN A 327 -34.44 27.47 23.20
N CYS A 328 -35.69 27.92 23.16
CA CYS A 328 -36.65 27.41 22.19
C CYS A 328 -36.10 27.58 20.79
N ILE A 329 -35.59 28.78 20.49
CA ILE A 329 -35.02 29.08 19.19
C ILE A 329 -33.90 28.11 18.87
N ALA A 330 -33.14 27.74 19.90
CA ALA A 330 -32.02 26.83 19.74
C ALA A 330 -32.49 25.42 19.40
N LEU A 331 -33.56 25.00 20.06
CA LEU A 331 -34.12 23.67 19.86
C LEU A 331 -34.99 23.53 18.60
N PHE A 332 -35.86 24.51 18.35
CA PHE A 332 -36.74 24.44 17.19
C PHE A 332 -36.57 25.54 16.16
N GLY A 333 -35.39 26.16 16.13
CA GLY A 333 -35.14 27.21 15.16
C GLY A 333 -35.94 28.48 15.38
N PRO A 334 -35.76 29.49 14.52
CA PRO A 334 -36.47 30.78 14.60
C PRO A 334 -37.99 30.63 14.70
N GLY A 335 -38.65 31.67 15.19
CA GLY A 335 -40.10 31.63 15.33
C GLY A 335 -40.53 30.87 16.56
N ALA A 336 -39.75 29.85 16.92
CA ALA A 336 -40.05 29.03 18.09
C ALA A 336 -40.07 29.90 19.34
N THR A 337 -41.18 29.87 20.06
CA THR A 337 -41.32 30.65 21.29
C THR A 337 -41.75 29.77 22.46
N VAL A 338 -41.45 30.24 23.67
CA VAL A 338 -41.80 29.50 24.87
C VAL A 338 -43.31 29.33 24.95
N SER A 339 -43.74 28.12 25.28
CA SER A 339 -45.17 27.84 25.39
C SER A 339 -45.73 28.49 26.65
N GLN A 340 -47.05 28.43 26.82
CA GLN A 340 -47.68 29.04 27.98
C GLN A 340 -47.62 28.16 29.23
N ASP A 341 -47.38 28.80 30.37
CA ASP A 341 -47.27 28.17 31.67
C ASP A 341 -47.95 26.80 31.80
N ALA A 342 -49.24 26.76 31.50
CA ALA A 342 -50.02 25.53 31.59
C ALA A 342 -49.28 24.30 31.11
N CYS A 343 -48.56 24.43 30.00
CA CYS A 343 -47.80 23.32 29.43
C CYS A 343 -46.82 22.67 30.39
N PHE A 344 -45.94 23.48 30.98
CA PHE A 344 -44.93 22.98 31.89
C PHE A 344 -45.51 22.06 32.97
N GLN A 345 -46.82 22.12 33.16
CA GLN A 345 -47.49 21.28 34.14
C GLN A 345 -47.27 19.80 33.84
N PHE A 346 -46.98 19.49 32.59
CA PHE A 346 -46.74 18.10 32.21
C PHE A 346 -45.49 17.55 32.89
N ASN A 347 -44.69 18.45 33.47
CA ASN A 347 -43.48 18.02 34.15
C ASN A 347 -43.82 17.37 35.49
N ARG A 348 -44.98 17.72 36.03
CA ARG A 348 -45.41 17.15 37.31
C ARG A 348 -45.80 15.70 37.03
N GLU A 349 -46.19 15.45 35.78
CA GLU A 349 -46.59 14.13 35.34
C GLU A 349 -45.56 13.08 35.76
N GLY A 350 -44.28 13.46 35.69
CA GLY A 350 -43.22 12.55 36.09
C GLY A 350 -43.04 11.40 35.10
N ASN A 351 -43.82 11.44 34.02
CA ASN A 351 -43.74 10.38 33.01
C ASN A 351 -42.54 10.45 32.09
N HIS A 352 -42.52 9.53 31.13
CA HIS A 352 -41.46 9.38 30.14
C HIS A 352 -40.67 10.65 29.79
N TYR A 353 -41.37 11.77 29.62
CA TYR A 353 -40.70 13.02 29.24
C TYR A 353 -40.83 14.15 30.26
N GLY A 354 -42.02 14.31 30.83
CA GLY A 354 -42.25 15.38 31.78
C GLY A 354 -41.75 15.11 33.19
N TYR A 355 -40.60 15.68 33.54
CA TYR A 355 -40.02 15.51 34.86
C TYR A 355 -39.02 16.62 35.16
N CYS A 356 -38.34 16.55 36.30
CA CYS A 356 -37.37 17.58 36.66
C CYS A 356 -35.94 17.12 36.86
N ARG A 357 -35.75 15.84 37.15
CA ARG A 357 -34.42 15.28 37.33
C ARG A 357 -34.43 13.78 37.54
N LYS A 358 -33.29 13.15 37.28
CA LYS A 358 -33.15 11.70 37.43
C LYS A 358 -32.39 11.33 38.70
N GLU A 359 -32.71 10.15 39.22
CA GLU A 359 -32.06 9.63 40.42
C GLU A 359 -30.97 8.69 39.90
N GLN A 360 -31.39 7.81 38.99
CA GLN A 360 -30.51 6.84 38.34
C GLN A 360 -31.20 6.43 37.04
N ASN A 361 -32.30 5.70 37.17
CA ASN A 361 -33.08 5.24 36.03
C ASN A 361 -34.50 5.80 36.19
N THR A 362 -34.80 6.23 37.40
CA THR A 362 -36.11 6.80 37.73
C THR A 362 -36.05 8.31 37.57
N LYS A 363 -37.22 8.95 37.52
CA LYS A 363 -37.28 10.39 37.34
C LYS A 363 -38.16 11.08 38.37
N ILE A 364 -37.56 12.01 39.12
CA ILE A 364 -38.27 12.75 40.15
C ILE A 364 -39.10 13.85 39.51
N ALA A 365 -40.40 13.61 39.43
CA ALA A 365 -41.34 14.56 38.85
C ALA A 365 -41.16 15.92 39.51
N CYS A 366 -41.57 16.98 38.81
CA CYS A 366 -41.44 18.32 39.31
C CYS A 366 -42.51 18.60 40.37
N GLU A 367 -42.36 19.72 41.05
CA GLU A 367 -43.32 20.14 42.06
C GLU A 367 -43.97 21.41 41.52
N PRO A 368 -45.12 21.81 42.10
CA PRO A 368 -45.84 23.01 41.66
C PRO A 368 -44.98 24.23 41.30
N GLN A 369 -43.83 24.40 41.97
CA GLN A 369 -42.97 25.54 41.70
C GLN A 369 -41.77 25.20 40.80
N ASP A 370 -41.17 24.03 41.00
CA ASP A 370 -40.02 23.61 40.19
C ASP A 370 -40.52 23.13 38.83
N VAL A 371 -41.77 23.44 38.52
CA VAL A 371 -42.39 23.06 37.27
C VAL A 371 -41.67 23.59 36.04
N LYS A 372 -41.32 24.88 36.05
CA LYS A 372 -40.63 25.50 34.93
C LYS A 372 -39.14 25.22 34.88
N CYS A 373 -38.71 24.13 35.49
CA CYS A 373 -37.30 23.77 35.48
C CYS A 373 -37.07 22.35 34.99
N GLY A 374 -38.11 21.75 34.43
CA GLY A 374 -38.01 20.40 33.91
C GLY A 374 -37.83 20.44 32.41
N ARG A 375 -38.70 19.76 31.69
CA ARG A 375 -38.65 19.74 30.24
C ARG A 375 -39.14 21.08 29.71
N LEU A 376 -38.41 21.67 28.78
CA LEU A 376 -38.79 22.95 28.20
C LEU A 376 -39.90 22.78 27.17
N TYR A 377 -40.97 23.54 27.32
CA TYR A 377 -42.09 23.47 26.39
C TYR A 377 -42.13 24.68 25.47
N CYS A 378 -42.05 24.41 24.17
CA CYS A 378 -42.06 25.46 23.16
C CYS A 378 -43.16 25.18 22.16
N PHE A 379 -43.36 26.10 21.22
CA PHE A 379 -44.37 25.93 20.19
C PHE A 379 -44.03 26.81 18.98
N PRO A 380 -44.17 26.27 17.76
CA PRO A 380 -43.87 27.00 16.54
C PRO A 380 -44.91 28.08 16.26
N ASN A 381 -44.46 29.20 15.71
CA ASN A 381 -45.37 30.31 15.41
C ASN A 381 -46.07 30.11 14.06
N SER A 382 -45.95 28.91 13.51
CA SER A 382 -46.58 28.60 12.23
C SER A 382 -48.11 28.63 12.36
N PRO A 383 -48.77 29.41 11.49
CA PRO A 383 -50.23 29.51 11.53
C PRO A 383 -50.90 28.14 11.54
N GLU A 384 -50.33 27.21 10.78
CA GLU A 384 -50.85 25.86 10.68
C GLU A 384 -50.68 25.05 11.96
N ASN A 385 -50.03 25.63 12.95
CA ASN A 385 -49.81 24.95 14.22
C ASN A 385 -51.12 24.76 14.99
N LYS A 386 -51.32 23.58 15.56
CA LYS A 386 -52.53 23.29 16.32
C LYS A 386 -52.21 22.79 17.72
N ASN A 387 -50.93 22.72 18.07
CA ASN A 387 -50.52 22.26 19.39
C ASN A 387 -49.73 23.33 20.13
N PRO A 388 -50.17 23.68 21.35
CA PRO A 388 -49.49 24.70 22.16
C PRO A 388 -48.26 24.15 22.88
N CYS A 389 -48.34 22.88 23.29
CA CYS A 389 -47.23 22.24 24.01
C CYS A 389 -46.45 21.28 23.11
N ASN A 390 -45.20 21.63 22.83
CA ASN A 390 -44.34 20.81 21.99
C ASN A 390 -43.05 20.51 22.75
N ILE A 391 -42.45 19.35 22.49
CA ILE A 391 -41.24 18.95 23.18
C ILE A 391 -40.13 18.40 22.29
N TYR A 392 -38.89 18.63 22.72
CA TYR A 392 -37.72 18.14 22.02
C TYR A 392 -37.23 16.97 22.87
N TYR A 393 -37.19 15.78 22.29
CA TYR A 393 -36.76 14.60 23.05
C TYR A 393 -35.75 13.73 22.31
N SER A 394 -34.68 13.37 23.01
CA SER A 394 -33.65 12.53 22.43
C SER A 394 -33.57 11.20 23.17
N PRO A 395 -34.08 10.13 22.56
CA PRO A 395 -34.04 8.81 23.22
C PRO A 395 -32.61 8.44 23.58
N ASN A 396 -31.65 8.99 22.83
CA ASN A 396 -30.24 8.74 23.07
C ASN A 396 -29.88 9.35 24.42
N ASP A 397 -30.03 10.67 24.50
CA ASP A 397 -29.74 11.42 25.72
C ASP A 397 -31.01 12.14 26.14
N GLU A 398 -31.57 11.74 27.27
CA GLU A 398 -32.82 12.33 27.76
C GLU A 398 -32.66 13.73 28.36
N ASP A 399 -31.45 14.07 28.79
CA ASP A 399 -31.20 15.39 29.37
C ASP A 399 -31.43 16.45 28.30
N LYS A 400 -31.18 16.07 27.05
CA LYS A 400 -31.37 16.97 25.91
C LYS A 400 -32.84 17.37 25.81
N GLY A 401 -33.10 18.68 25.83
CA GLY A 401 -34.47 19.16 25.73
C GLY A 401 -34.94 19.82 27.01
N MET A 402 -34.35 19.42 28.13
CA MET A 402 -34.71 19.99 29.43
C MET A 402 -34.27 21.45 29.49
N VAL A 403 -34.70 22.15 30.53
CA VAL A 403 -34.34 23.56 30.70
C VAL A 403 -32.88 23.66 31.14
N LEU A 404 -32.18 24.69 30.67
CA LEU A 404 -30.78 24.88 31.03
C LEU A 404 -30.61 25.40 32.44
N PRO A 405 -29.56 24.92 33.14
CA PRO A 405 -29.31 25.36 34.51
C PRO A 405 -29.10 26.87 34.55
N GLY A 406 -29.55 27.51 35.62
CA GLY A 406 -29.39 28.95 35.73
C GLY A 406 -30.42 29.70 34.93
N THR A 407 -31.21 28.99 34.15
CA THR A 407 -32.26 29.61 33.34
C THR A 407 -33.29 30.23 34.28
N LYS A 408 -33.54 31.52 34.08
CA LYS A 408 -34.51 32.25 34.90
C LYS A 408 -35.89 31.62 34.84
N CYS A 409 -36.26 30.92 35.91
CA CYS A 409 -37.56 30.28 36.00
C CYS A 409 -38.60 31.26 36.54
N ALA A 410 -38.65 31.40 37.86
CA ALA A 410 -39.58 32.33 38.48
C ALA A 410 -38.99 33.74 38.34
N ASP A 411 -39.51 34.69 39.12
CA ASP A 411 -39.02 36.06 39.06
C ASP A 411 -37.53 36.12 39.36
N ARG A 412 -37.19 36.25 40.63
CA ARG A 412 -35.80 36.34 41.05
C ARG A 412 -35.24 34.98 41.49
N LYS A 413 -35.46 33.98 40.65
CA LYS A 413 -34.99 32.63 40.92
C LYS A 413 -34.59 31.97 39.60
N ALA A 414 -33.77 30.91 39.70
CA ALA A 414 -33.31 30.20 38.52
C ALA A 414 -33.27 28.70 38.77
N CYS A 415 -33.14 27.92 37.70
CA CYS A 415 -33.09 26.47 37.82
C CYS A 415 -31.72 26.00 38.29
N SER A 416 -31.71 25.31 39.42
CA SER A 416 -30.47 24.79 39.98
C SER A 416 -30.32 23.31 39.63
N ASN A 417 -31.16 22.48 40.24
CA ASN A 417 -31.13 21.05 39.99
C ASN A 417 -32.55 20.56 39.79
N GLY A 418 -33.19 21.03 38.72
CA GLY A 418 -34.55 20.64 38.45
C GLY A 418 -35.47 21.33 39.44
N GLN A 419 -34.94 22.38 40.07
CA GLN A 419 -35.71 23.14 41.05
C GLN A 419 -35.49 24.63 40.85
N CYS A 420 -36.55 25.41 41.04
CA CYS A 420 -36.48 26.85 40.86
C CYS A 420 -36.09 27.53 42.17
N VAL A 421 -34.79 27.51 42.47
CA VAL A 421 -34.27 28.13 43.69
C VAL A 421 -34.03 29.61 43.49
N ASP A 422 -34.01 30.36 44.59
CA ASP A 422 -33.79 31.80 44.54
C ASP A 422 -32.42 32.15 43.97
N VAL A 423 -32.35 33.30 43.32
CA VAL A 423 -31.09 33.75 42.71
C VAL A 423 -30.17 34.39 43.73
N THR A 424 -30.74 34.81 44.86
CA THR A 424 -29.95 35.44 45.92
C THR A 424 -29.03 34.43 46.59
N THR A 425 -29.49 33.18 46.66
CA THR A 425 -28.71 32.10 47.26
C THR A 425 -27.68 31.60 46.25
N PRO A 426 -26.44 31.34 46.70
CA PRO A 426 -25.39 30.86 45.81
C PRO A 426 -25.75 29.54 45.13
N TYR A 427 -26.23 29.64 43.88
CA TYR A 427 -26.61 28.46 43.12
C TYR A 427 -25.57 28.13 42.06
N SER B 2 32.25 -11.76 -32.43
CA SER B 2 33.39 -12.45 -33.07
C SER B 2 34.16 -13.30 -32.06
N ASN B 3 34.33 -12.76 -30.86
CA ASN B 3 35.03 -13.47 -29.80
C ASN B 3 34.09 -14.48 -29.18
N LEU B 4 32.79 -14.30 -29.45
CA LEU B 4 31.76 -15.18 -28.92
C LEU B 4 31.65 -16.43 -29.78
N THR B 5 31.51 -17.58 -29.13
CA THR B 5 31.37 -18.84 -29.86
C THR B 5 30.13 -18.78 -30.73
N PRO B 6 30.11 -19.55 -31.83
CA PRO B 6 28.95 -19.56 -32.73
C PRO B 6 27.66 -19.79 -31.95
N GLU B 7 27.78 -20.51 -30.85
CA GLU B 7 26.63 -20.83 -30.00
C GLU B 7 26.20 -19.60 -29.21
N GLN B 8 27.16 -18.90 -28.62
CA GLN B 8 26.88 -17.70 -27.83
C GLN B 8 26.17 -16.65 -28.69
N GLN B 9 26.76 -16.33 -29.84
CA GLN B 9 26.17 -15.35 -30.72
C GLN B 9 24.78 -15.84 -31.12
N ARG B 10 24.68 -17.13 -31.42
CA ARG B 10 23.40 -17.73 -31.81
C ARG B 10 22.41 -17.65 -30.66
N TYR B 11 22.92 -17.68 -29.42
CA TYR B 11 22.07 -17.61 -28.24
C TYR B 11 21.52 -16.20 -28.07
N LEU B 12 22.41 -15.22 -28.16
CA LEU B 12 22.02 -13.82 -28.01
C LEU B 12 21.00 -13.40 -29.05
N ASN B 13 21.18 -13.84 -30.30
CA ASN B 13 20.27 -13.48 -31.37
C ASN B 13 18.90 -14.13 -31.20
N ALA B 14 18.85 -15.25 -30.48
CA ALA B 14 17.60 -15.96 -30.25
C ALA B 14 16.64 -15.10 -29.43
N LYS B 15 15.41 -14.95 -29.93
CA LYS B 15 14.40 -14.17 -29.24
C LYS B 15 14.20 -14.77 -27.85
N LYS B 16 14.02 -13.91 -26.85
CA LYS B 16 13.83 -14.39 -25.49
C LYS B 16 12.39 -14.31 -25.00
N TYR B 17 12.02 -15.26 -24.16
CA TYR B 17 10.67 -15.31 -23.59
C TYR B 17 10.78 -15.62 -22.10
N VAL B 18 10.03 -14.88 -21.29
CA VAL B 18 10.02 -15.09 -19.85
C VAL B 18 8.63 -15.54 -19.43
N LYS B 19 8.43 -16.84 -19.37
CA LYS B 19 7.13 -17.39 -18.97
C LYS B 19 6.98 -17.09 -17.49
N LEU B 20 6.21 -16.04 -17.19
CA LEU B 20 6.00 -15.60 -15.82
C LEU B 20 4.77 -16.22 -15.14
N PHE B 21 4.89 -16.43 -13.83
CA PHE B 21 3.81 -16.97 -13.03
C PHE B 21 3.60 -16.04 -11.83
N LEU B 22 2.58 -15.21 -11.89
CA LEU B 22 2.29 -14.28 -10.81
C LEU B 22 1.49 -14.92 -9.67
N VAL B 23 1.72 -14.42 -8.46
CA VAL B 23 1.03 -14.92 -7.28
C VAL B 23 0.60 -13.78 -6.35
N ALA B 24 -0.69 -13.70 -6.07
CA ALA B 24 -1.23 -12.67 -5.18
C ALA B 24 -1.55 -13.33 -3.85
N ASP B 25 -1.08 -12.74 -2.75
CA ASP B 25 -1.29 -13.30 -1.42
C ASP B 25 -2.64 -12.92 -0.79
N TYR B 26 -2.95 -13.56 0.34
CA TYR B 26 -4.20 -13.33 1.05
C TYR B 26 -4.55 -11.86 1.25
N ILE B 27 -3.58 -11.05 1.64
CA ILE B 27 -3.83 -9.63 1.87
C ILE B 27 -4.25 -8.95 0.56
N MET B 28 -3.71 -9.42 -0.56
CA MET B 28 -4.07 -8.84 -1.85
C MET B 28 -5.55 -9.09 -2.10
N TYR B 29 -5.98 -10.30 -1.76
CA TYR B 29 -7.38 -10.69 -1.92
C TYR B 29 -8.25 -9.77 -1.08
N LEU B 30 -7.88 -9.57 0.17
CA LEU B 30 -8.63 -8.71 1.06
C LEU B 30 -8.53 -7.26 0.59
N LYS B 31 -7.32 -6.84 0.26
CA LYS B 31 -7.06 -5.49 -0.21
C LYS B 31 -8.00 -5.09 -1.34
N TYR B 32 -8.40 -6.05 -2.16
CA TYR B 32 -9.29 -5.73 -3.27
C TYR B 32 -10.71 -6.27 -3.09
N GLY B 33 -11.22 -6.09 -1.87
CA GLY B 33 -12.58 -6.51 -1.55
C GLY B 33 -12.97 -7.95 -1.79
N ARG B 34 -12.07 -8.89 -1.48
CA ARG B 34 -12.39 -10.30 -1.67
C ARG B 34 -12.99 -10.51 -3.06
N ASN B 35 -12.48 -9.78 -4.03
CA ASN B 35 -12.98 -9.84 -5.40
C ASN B 35 -11.88 -10.35 -6.34
N LEU B 36 -11.81 -11.66 -6.50
CA LEU B 36 -10.82 -12.31 -7.36
C LEU B 36 -10.70 -11.65 -8.72
N THR B 37 -11.79 -11.07 -9.22
CA THR B 37 -11.76 -10.42 -10.51
C THR B 37 -10.90 -9.17 -10.43
N ALA B 38 -11.04 -8.43 -9.34
CA ALA B 38 -10.28 -7.21 -9.13
C ALA B 38 -8.79 -7.52 -9.00
N VAL B 39 -8.46 -8.46 -8.12
CA VAL B 39 -7.08 -8.87 -7.90
C VAL B 39 -6.47 -9.31 -9.22
N ARG B 40 -7.17 -10.20 -9.90
CA ARG B 40 -6.73 -10.74 -11.19
C ARG B 40 -6.48 -9.60 -12.18
N THR B 41 -7.43 -8.67 -12.28
CA THR B 41 -7.31 -7.54 -13.18
C THR B 41 -6.10 -6.69 -12.83
N ARG B 42 -5.89 -6.48 -11.53
CA ARG B 42 -4.76 -5.69 -11.05
C ARG B 42 -3.47 -6.27 -11.60
N MET B 43 -3.35 -7.59 -11.52
CA MET B 43 -2.16 -8.28 -12.02
C MET B 43 -2.03 -8.12 -13.52
N TYR B 44 -3.13 -8.31 -14.23
CA TYR B 44 -3.13 -8.19 -15.68
C TYR B 44 -2.54 -6.84 -16.09
N ASP B 45 -3.03 -5.77 -15.47
CA ASP B 45 -2.52 -4.43 -15.77
C ASP B 45 -1.03 -4.36 -15.57
N ILE B 46 -0.58 -4.74 -14.38
CA ILE B 46 0.85 -4.71 -14.05
C ILE B 46 1.65 -5.37 -15.16
N VAL B 47 1.10 -6.43 -15.73
CA VAL B 47 1.77 -7.16 -16.81
C VAL B 47 1.78 -6.32 -18.08
N ASN B 48 0.70 -5.59 -18.33
CA ASN B 48 0.60 -4.74 -19.51
C ASN B 48 1.64 -3.63 -19.48
N VAL B 49 2.25 -3.43 -18.33
CA VAL B 49 3.27 -2.39 -18.17
C VAL B 49 4.66 -3.04 -18.23
N ILE B 50 4.76 -4.23 -17.66
CA ILE B 50 6.02 -4.96 -17.64
C ILE B 50 6.41 -5.45 -19.02
N THR B 51 5.44 -5.97 -19.76
CA THR B 51 5.67 -6.49 -21.10
C THR B 51 6.34 -5.49 -22.04
N PRO B 52 5.72 -4.32 -22.27
CA PRO B 52 6.32 -3.33 -23.16
C PRO B 52 7.70 -2.89 -22.71
N ILE B 53 7.95 -2.95 -21.41
CA ILE B 53 9.24 -2.57 -20.85
C ILE B 53 10.33 -3.53 -21.31
N TYR B 54 10.09 -4.82 -21.09
CA TYR B 54 11.07 -5.83 -21.46
C TYR B 54 11.18 -6.08 -22.96
N HIS B 55 10.29 -5.49 -23.74
CA HIS B 55 10.39 -5.66 -25.18
C HIS B 55 11.67 -5.00 -25.63
N ARG B 56 12.00 -3.87 -25.01
CA ARG B 56 13.21 -3.13 -25.34
C ARG B 56 14.47 -3.89 -24.92
N MET B 57 14.27 -5.11 -24.43
CA MET B 57 15.37 -5.98 -24.01
C MET B 57 15.31 -7.26 -24.82
N ASN B 58 14.51 -7.24 -25.87
CA ASN B 58 14.33 -8.40 -26.72
C ASN B 58 13.90 -9.59 -25.88
N ILE B 59 13.00 -9.32 -24.94
CA ILE B 59 12.46 -10.33 -24.05
C ILE B 59 10.96 -10.15 -23.92
N HIS B 60 10.20 -11.19 -24.15
CA HIS B 60 8.75 -11.10 -24.02
C HIS B 60 8.24 -11.79 -22.77
N VAL B 61 7.75 -10.99 -21.82
CA VAL B 61 7.20 -11.52 -20.58
C VAL B 61 5.81 -12.05 -20.89
N ALA B 62 5.58 -13.32 -20.59
CA ALA B 62 4.30 -13.94 -20.86
C ALA B 62 3.71 -14.57 -19.60
N LEU B 63 2.55 -14.09 -19.20
CA LEU B 63 1.87 -14.61 -18.01
C LEU B 63 1.32 -15.98 -18.35
N VAL B 64 2.08 -17.02 -18.01
CA VAL B 64 1.67 -18.40 -18.28
C VAL B 64 0.92 -19.02 -17.12
N GLY B 65 0.76 -18.26 -16.05
CA GLY B 65 0.07 -18.76 -14.88
C GLY B 65 -0.27 -17.65 -13.91
N LEU B 66 -1.21 -17.92 -13.01
CA LEU B 66 -1.63 -16.92 -12.03
C LEU B 66 -2.31 -17.63 -10.87
N GLU B 67 -1.92 -17.29 -9.64
CA GLU B 67 -2.49 -17.90 -8.47
C GLU B 67 -2.79 -16.87 -7.38
N ILE B 68 -4.01 -16.91 -6.86
CA ILE B 68 -4.43 -15.98 -5.81
C ILE B 68 -4.75 -16.76 -4.54
N TRP B 69 -3.94 -16.57 -3.51
CA TRP B 69 -4.15 -17.26 -2.24
C TRP B 69 -5.32 -16.65 -1.47
N SER B 70 -6.51 -16.80 -2.03
CA SER B 70 -7.74 -16.27 -1.44
C SER B 70 -8.25 -17.07 -0.25
N ASN B 71 -7.95 -18.37 -0.22
CA ASN B 71 -8.40 -19.19 0.89
C ASN B 71 -7.42 -19.08 2.05
N THR B 72 -6.18 -18.75 1.75
CA THR B 72 -5.14 -18.59 2.76
C THR B 72 -3.77 -18.64 2.09
N ASP B 73 -2.78 -17.97 2.66
CA ASP B 73 -1.43 -17.96 2.08
C ASP B 73 -0.82 -19.35 2.10
N LYS B 74 0.13 -19.58 1.18
CA LYS B 74 0.80 -20.87 1.08
C LYS B 74 2.25 -20.79 1.56
N ILE B 75 2.61 -19.64 2.12
CA ILE B 75 3.95 -19.42 2.66
C ILE B 75 3.80 -18.35 3.74
N ILE B 76 4.67 -18.36 4.74
CA ILE B 76 4.57 -17.38 5.80
C ILE B 76 5.06 -16.01 5.35
N VAL B 77 4.20 -15.29 4.63
CA VAL B 77 4.50 -13.96 4.13
C VAL B 77 4.59 -13.03 5.34
N GLN B 78 5.75 -12.42 5.53
CA GLN B 78 5.96 -11.54 6.67
C GLN B 78 6.64 -10.23 6.30
N SER B 79 6.68 -9.32 7.27
CA SER B 79 7.28 -8.01 7.08
C SER B 79 8.72 -8.09 6.60
N SER B 80 9.37 -9.23 6.85
CA SER B 80 10.75 -9.42 6.44
C SER B 80 10.81 -9.78 4.96
N ALA B 81 11.10 -8.80 4.12
CA ALA B 81 11.18 -9.02 2.69
C ALA B 81 12.15 -10.16 2.38
N ASP B 82 13.25 -10.21 3.12
CA ASP B 82 14.26 -11.25 2.93
C ASP B 82 13.69 -12.65 3.18
N VAL B 83 13.10 -12.84 4.35
CA VAL B 83 12.52 -14.12 4.71
C VAL B 83 11.41 -14.50 3.74
N THR B 84 10.56 -13.53 3.42
CA THR B 84 9.44 -13.76 2.51
C THR B 84 9.96 -14.30 1.18
N LEU B 85 11.00 -13.65 0.65
CA LEU B 85 11.59 -14.07 -0.60
C LEU B 85 12.05 -15.52 -0.49
N ASP B 86 12.86 -15.79 0.53
CA ASP B 86 13.38 -17.12 0.76
C ASP B 86 12.25 -18.16 0.77
N LEU B 87 11.29 -17.97 1.67
CA LEU B 87 10.16 -18.87 1.80
C LEU B 87 9.40 -19.00 0.48
N PHE B 88 9.26 -17.89 -0.22
CA PHE B 88 8.55 -17.90 -1.49
C PHE B 88 9.28 -18.76 -2.51
N ALA B 89 10.59 -18.57 -2.61
CA ALA B 89 11.41 -19.34 -3.54
C ALA B 89 11.29 -20.83 -3.26
N LYS B 90 11.50 -21.21 -2.01
CA LYS B 90 11.42 -22.62 -1.60
C LYS B 90 10.07 -23.20 -2.00
N TRP B 91 9.00 -22.50 -1.65
CA TRP B 91 7.65 -22.94 -1.99
C TRP B 91 7.55 -23.15 -3.50
N ARG B 92 8.11 -22.20 -4.23
CA ARG B 92 8.09 -22.22 -5.68
C ARG B 92 8.89 -23.40 -6.25
N ALA B 93 9.91 -23.83 -5.51
CA ALA B 93 10.75 -24.93 -5.95
C ALA B 93 10.14 -26.31 -5.69
N THR B 94 9.44 -26.45 -4.56
CA THR B 94 8.85 -27.72 -4.20
C THR B 94 7.36 -27.87 -4.50
N ASP B 95 6.61 -26.77 -4.38
CA ASP B 95 5.17 -26.81 -4.62
C ASP B 95 4.76 -26.45 -6.05
N LEU B 96 4.92 -25.18 -6.40
CA LEU B 96 4.53 -24.68 -7.72
C LEU B 96 5.18 -25.38 -8.91
N LEU B 97 6.51 -25.38 -8.96
CA LEU B 97 7.23 -26.03 -10.07
C LEU B 97 6.85 -27.50 -10.18
N SER B 98 6.24 -28.03 -9.13
CA SER B 98 5.82 -29.42 -9.12
C SER B 98 4.53 -29.62 -9.91
N ARG B 99 3.80 -28.54 -10.14
CA ARG B 99 2.53 -28.63 -10.88
C ARG B 99 2.39 -27.69 -12.07
N LYS B 100 3.25 -26.68 -12.15
CA LYS B 100 3.19 -25.74 -13.27
C LYS B 100 4.59 -25.30 -13.68
N SER B 101 4.93 -25.51 -14.94
CA SER B 101 6.24 -25.15 -15.45
C SER B 101 6.31 -23.69 -15.87
N HIS B 102 7.26 -22.96 -15.29
CA HIS B 102 7.44 -21.54 -15.59
C HIS B 102 8.89 -21.13 -15.40
N ASP B 103 9.31 -20.09 -16.09
CA ASP B 103 10.68 -19.59 -16.01
C ASP B 103 10.93 -18.75 -14.77
N ASN B 104 9.95 -17.93 -14.41
CA ASN B 104 10.09 -17.03 -13.27
C ASN B 104 8.76 -16.76 -12.59
N ALA B 105 8.78 -16.64 -11.27
CA ALA B 105 7.56 -16.37 -10.51
C ALA B 105 7.77 -15.16 -9.60
N GLN B 106 6.79 -14.27 -9.59
CA GLN B 106 6.87 -13.07 -8.77
C GLN B 106 5.68 -13.03 -7.80
N LEU B 107 5.96 -12.69 -6.55
CA LEU B 107 4.91 -12.61 -5.55
C LEU B 107 4.46 -11.17 -5.34
N LEU B 108 3.19 -10.91 -5.58
CA LEU B 108 2.63 -9.58 -5.39
C LEU B 108 1.86 -9.62 -4.08
N THR B 109 2.41 -8.98 -3.05
CA THR B 109 1.75 -8.99 -1.74
C THR B 109 1.27 -7.61 -1.28
N GLY B 110 0.20 -7.62 -0.49
CA GLY B 110 -0.35 -6.38 0.03
C GLY B 110 0.27 -6.03 1.37
N ILE B 111 1.12 -6.93 1.87
CA ILE B 111 1.77 -6.71 3.15
C ILE B 111 2.80 -5.59 2.99
N ASN B 112 3.26 -5.05 4.11
CA ASN B 112 4.24 -3.97 4.08
C ASN B 112 5.59 -4.45 4.61
N PHE B 113 6.57 -4.56 3.72
CA PHE B 113 7.91 -5.00 4.11
C PHE B 113 8.60 -3.96 4.98
N ASN B 114 9.33 -4.44 5.99
CA ASN B 114 10.05 -3.55 6.90
C ASN B 114 11.02 -2.68 6.12
N GLY B 115 11.13 -1.42 6.53
CA GLY B 115 12.03 -0.52 5.84
C GLY B 115 11.42 -0.01 4.55
N PRO B 116 12.18 0.76 3.76
CA PRO B 116 11.69 1.30 2.49
C PRO B 116 11.60 0.29 1.35
N THR B 117 12.23 -0.86 1.50
CA THR B 117 12.21 -1.89 0.46
C THR B 117 10.79 -2.22 0.00
N ALA B 118 10.61 -2.29 -1.31
CA ALA B 118 9.32 -2.59 -1.90
C ALA B 118 9.38 -3.88 -2.72
N GLY B 119 10.46 -4.64 -2.56
CA GLY B 119 10.60 -5.88 -3.29
C GLY B 119 12.02 -6.43 -3.27
N LEU B 120 12.14 -7.72 -3.54
CA LEU B 120 13.43 -8.40 -3.57
C LEU B 120 13.44 -9.45 -4.67
N GLY B 121 14.62 -9.66 -5.26
CA GLY B 121 14.74 -10.64 -6.32
C GLY B 121 16.14 -11.18 -6.42
N TYR B 122 16.27 -12.50 -6.38
CA TYR B 122 17.57 -13.16 -6.48
C TYR B 122 18.29 -12.75 -7.76
N LEU B 123 19.55 -12.33 -7.62
CA LEU B 123 20.35 -11.88 -8.75
C LEU B 123 20.74 -13.05 -9.66
N GLY B 124 20.42 -12.92 -10.95
CA GLY B 124 20.75 -13.95 -11.93
C GLY B 124 20.03 -15.27 -11.74
N GLY B 125 19.14 -15.32 -10.75
CA GLY B 125 18.41 -16.54 -10.47
C GLY B 125 17.50 -17.03 -11.59
N ILE B 126 17.33 -16.21 -12.63
CA ILE B 126 16.45 -16.57 -13.75
C ILE B 126 16.62 -18.04 -14.19
N CYS B 127 15.50 -18.67 -14.51
CA CYS B 127 15.44 -20.07 -14.94
C CYS B 127 15.77 -21.04 -13.82
N ASN B 128 16.56 -20.61 -12.85
CA ASN B 128 16.92 -21.48 -11.74
C ASN B 128 15.75 -21.94 -10.89
N THR B 129 15.66 -23.25 -10.71
CA THR B 129 14.61 -23.89 -9.93
C THR B 129 14.42 -23.33 -8.53
N MET B 130 15.52 -23.00 -7.86
CA MET B 130 15.43 -22.48 -6.50
C MET B 130 15.82 -21.03 -6.31
N TYR B 131 15.92 -20.27 -7.40
CA TYR B 131 16.30 -18.86 -7.29
C TYR B 131 15.67 -17.93 -8.31
N SER B 132 15.02 -18.48 -9.32
CA SER B 132 14.36 -17.65 -10.34
C SER B 132 13.03 -17.15 -9.81
N ALA B 133 13.09 -16.35 -8.75
CA ALA B 133 11.88 -15.81 -8.15
C ALA B 133 12.12 -14.39 -7.66
N GLY B 134 11.03 -13.74 -7.25
CA GLY B 134 11.11 -12.38 -6.74
C GLY B 134 9.80 -12.01 -6.08
N ILE B 135 9.86 -11.06 -5.15
CA ILE B 135 8.66 -10.61 -4.46
C ILE B 135 8.50 -9.11 -4.63
N VAL B 136 7.26 -8.65 -4.65
CA VAL B 136 6.98 -7.23 -4.82
C VAL B 136 5.81 -6.79 -3.95
N GLN B 137 5.95 -5.63 -3.34
CA GLN B 137 4.89 -5.09 -2.49
C GLN B 137 4.01 -4.18 -3.34
N ASP B 138 2.69 -4.35 -3.23
CA ASP B 138 1.75 -3.53 -3.97
C ASP B 138 1.75 -2.18 -3.24
N HIS B 139 2.94 -1.56 -3.21
CA HIS B 139 3.22 -0.30 -2.53
C HIS B 139 2.48 0.96 -2.94
N SER B 140 2.13 1.09 -4.21
CA SER B 140 1.43 2.29 -4.67
C SER B 140 0.09 1.98 -5.31
N LYS B 141 -0.81 2.96 -5.30
CA LYS B 141 -2.12 2.77 -5.90
C LYS B 141 -1.92 2.76 -7.41
N ILE B 142 -0.89 3.48 -7.86
CA ILE B 142 -0.55 3.53 -9.28
C ILE B 142 0.09 2.20 -9.63
N HIS B 143 -0.60 1.39 -10.42
CA HIS B 143 -0.08 0.09 -10.80
C HIS B 143 1.17 0.23 -11.67
N HIS B 144 1.30 1.37 -12.35
CA HIS B 144 2.46 1.60 -13.21
C HIS B 144 3.74 1.55 -12.38
N LEU B 145 3.65 2.01 -11.12
CA LEU B 145 4.80 2.01 -10.23
C LEU B 145 5.07 0.64 -9.64
N VAL B 146 4.01 -0.14 -9.43
CA VAL B 146 4.15 -1.48 -8.89
C VAL B 146 4.81 -2.35 -9.95
N ALA B 147 4.40 -2.11 -11.20
CA ALA B 147 4.94 -2.86 -12.32
C ALA B 147 6.45 -2.63 -12.41
N ILE B 148 6.85 -1.37 -12.32
CA ILE B 148 8.27 -1.02 -12.37
C ILE B 148 9.00 -1.76 -11.26
N ALA B 149 8.38 -1.79 -10.09
CA ALA B 149 8.98 -2.48 -8.95
C ALA B 149 9.18 -3.94 -9.29
N MET B 150 8.21 -4.52 -10.00
CA MET B 150 8.30 -5.92 -10.39
C MET B 150 9.36 -6.11 -11.47
N ALA B 151 9.42 -5.15 -12.40
CA ALA B 151 10.41 -5.21 -13.47
C ALA B 151 11.80 -5.14 -12.84
N HIS B 152 11.92 -4.34 -11.79
CA HIS B 152 13.18 -4.17 -11.08
C HIS B 152 13.64 -5.52 -10.56
N GLU B 153 12.77 -6.19 -9.80
CA GLU B 153 13.08 -7.49 -9.24
C GLU B 153 13.43 -8.47 -10.35
N MET B 154 12.61 -8.47 -11.40
CA MET B 154 12.85 -9.35 -12.55
C MET B 154 14.19 -8.97 -13.17
N GLY B 155 14.53 -7.68 -13.07
CA GLY B 155 15.78 -7.19 -13.62
C GLY B 155 16.94 -7.87 -12.94
N HIS B 156 16.83 -8.08 -11.64
CA HIS B 156 17.88 -8.73 -10.87
C HIS B 156 17.99 -10.18 -11.32
N ASN B 157 16.84 -10.85 -11.41
CA ASN B 157 16.80 -12.24 -11.84
C ASN B 157 17.53 -12.42 -13.17
N LEU B 158 17.48 -11.39 -14.01
CA LEU B 158 18.11 -11.43 -15.31
C LEU B 158 19.55 -10.90 -15.31
N GLY B 159 20.19 -10.94 -14.15
CA GLY B 159 21.57 -10.50 -14.03
C GLY B 159 21.85 -9.02 -13.83
N MET B 160 20.83 -8.18 -13.92
CA MET B 160 21.04 -6.74 -13.77
C MET B 160 21.18 -6.31 -12.31
N ASP B 161 22.03 -5.31 -12.09
CA ASP B 161 22.27 -4.78 -10.75
C ASP B 161 21.65 -3.39 -10.62
N HIS B 162 21.92 -2.72 -9.51
CA HIS B 162 21.40 -1.39 -9.28
C HIS B 162 22.22 -0.36 -10.04
N ASP B 163 21.56 0.68 -10.54
CA ASP B 163 22.25 1.72 -11.28
C ASP B 163 23.13 2.55 -10.37
N LYS B 164 24.38 2.73 -10.79
CA LYS B 164 25.34 3.53 -10.05
C LYS B 164 25.26 4.95 -10.61
N ASP B 165 25.66 5.92 -9.81
CA ASP B 165 25.62 7.32 -10.22
C ASP B 165 25.84 7.58 -11.71
N THR B 166 26.88 7.00 -12.28
CA THR B 166 27.20 7.20 -13.70
C THR B 166 26.14 6.67 -14.67
N CYS B 167 25.62 5.48 -14.40
CA CYS B 167 24.61 4.85 -15.25
C CYS B 167 23.46 5.77 -15.64
N THR B 168 23.06 5.70 -16.90
CA THR B 168 21.96 6.52 -17.41
C THR B 168 21.17 5.82 -18.51
N CYS B 169 19.92 6.25 -18.68
CA CYS B 169 19.03 5.70 -19.69
C CYS B 169 18.26 6.87 -20.29
N GLY B 170 18.43 8.04 -19.67
CA GLY B 170 17.75 9.23 -20.14
C GLY B 170 17.87 10.33 -19.11
N THR B 171 16.87 11.22 -19.07
CA THR B 171 16.87 12.32 -18.12
C THR B 171 16.17 11.94 -16.81
N ARG B 172 15.69 10.70 -16.74
CA ARG B 172 14.99 10.22 -15.55
C ARG B 172 15.56 8.88 -15.08
N PRO B 173 15.25 8.48 -13.83
CA PRO B 173 15.72 7.22 -13.25
C PRO B 173 15.37 6.00 -14.11
N CYS B 174 16.16 4.94 -13.97
CA CYS B 174 15.93 3.73 -14.75
C CYS B 174 15.44 2.58 -13.88
N VAL B 175 14.67 1.68 -14.50
CA VAL B 175 14.10 0.53 -13.81
C VAL B 175 15.00 -0.04 -12.71
N MET B 176 16.31 -0.11 -12.98
CA MET B 176 17.22 -0.66 -12.00
C MET B 176 17.75 0.34 -10.99
N ALA B 177 17.06 1.46 -10.85
CA ALA B 177 17.46 2.47 -9.88
C ALA B 177 17.09 1.92 -8.51
N GLY B 178 18.06 1.93 -7.59
CA GLY B 178 17.83 1.40 -6.26
C GLY B 178 16.70 2.03 -5.48
N ALA B 179 16.19 3.17 -5.95
CA ALA B 179 15.11 3.87 -5.25
C ALA B 179 13.99 4.28 -6.22
N LEU B 180 12.75 4.02 -5.82
CA LEU B 180 11.59 4.37 -6.63
C LEU B 180 11.30 5.86 -6.66
N SER B 181 10.21 6.21 -7.35
CA SER B 181 9.75 7.59 -7.50
C SER B 181 8.77 7.62 -8.67
N CYS B 182 7.74 8.45 -8.58
CA CYS B 182 6.76 8.53 -9.66
C CYS B 182 7.34 9.25 -10.86
N GLU B 183 8.64 9.52 -10.81
CA GLU B 183 9.33 10.18 -11.92
C GLU B 183 10.19 9.11 -12.60
N ALA B 184 9.99 7.86 -12.20
CA ALA B 184 10.73 6.74 -12.75
C ALA B 184 10.22 6.39 -14.14
N SER B 185 11.14 6.08 -15.04
CA SER B 185 10.78 5.73 -16.40
C SER B 185 10.68 4.22 -16.55
N PHE B 186 10.37 3.77 -17.77
CA PHE B 186 10.25 2.35 -18.06
C PHE B 186 11.43 1.92 -18.91
N LEU B 187 12.58 2.56 -18.69
CA LEU B 187 13.78 2.25 -19.45
C LEU B 187 14.91 1.71 -18.57
N PHE B 188 15.75 0.88 -19.15
CA PHE B 188 16.90 0.31 -18.46
C PHE B 188 18.12 1.13 -18.83
N SER B 189 18.99 1.41 -17.86
CA SER B 189 20.18 2.19 -18.12
C SER B 189 21.12 1.42 -19.03
N ASP B 190 22.07 2.13 -19.63
CA ASP B 190 23.03 1.50 -20.53
C ASP B 190 23.83 0.44 -19.76
N CYS B 191 23.92 0.60 -18.44
CA CYS B 191 24.63 -0.35 -17.60
C CYS B 191 23.85 -1.65 -17.57
N SER B 192 22.58 -1.54 -17.21
CA SER B 192 21.69 -2.69 -17.13
C SER B 192 21.80 -3.46 -18.45
N GLN B 193 21.77 -2.72 -19.55
CA GLN B 193 21.87 -3.30 -20.88
C GLN B 193 23.10 -4.19 -20.94
N LYS B 194 24.23 -3.67 -20.47
CA LYS B 194 25.48 -4.42 -20.49
C LYS B 194 25.47 -5.58 -19.50
N ASP B 195 25.21 -5.28 -18.23
CA ASP B 195 25.16 -6.31 -17.21
C ASP B 195 24.38 -7.52 -17.72
N HIS B 196 23.19 -7.24 -18.25
CA HIS B 196 22.31 -8.29 -18.77
C HIS B 196 23.02 -9.10 -19.85
N ARG B 197 23.53 -8.40 -20.86
CA ARG B 197 24.23 -9.05 -21.96
C ARG B 197 25.33 -9.97 -21.47
N GLU B 198 26.23 -9.45 -20.65
CA GLU B 198 27.33 -10.25 -20.12
C GLU B 198 26.79 -11.45 -19.36
N PHE B 199 25.78 -11.21 -18.52
CA PHE B 199 25.18 -12.28 -17.75
C PHE B 199 24.74 -13.40 -18.69
N LEU B 200 23.98 -13.04 -19.73
CA LEU B 200 23.50 -14.00 -20.70
C LEU B 200 24.64 -14.77 -21.33
N ILE B 201 25.63 -14.03 -21.82
CA ILE B 201 26.80 -14.62 -22.46
C ILE B 201 27.48 -15.68 -21.60
N LYS B 202 27.72 -15.34 -20.33
CA LYS B 202 28.38 -16.24 -19.39
C LYS B 202 27.53 -17.42 -18.91
N ASN B 203 26.23 -17.22 -18.77
CA ASN B 203 25.36 -18.27 -18.27
C ASN B 203 24.45 -18.93 -19.31
N MET B 204 23.95 -18.13 -20.24
CA MET B 204 23.05 -18.64 -21.27
C MET B 204 21.93 -19.48 -20.70
N PRO B 205 21.06 -18.89 -19.87
CA PRO B 205 19.95 -19.65 -19.29
C PRO B 205 19.04 -20.17 -20.39
N GLN B 206 18.95 -21.49 -20.49
CA GLN B 206 18.15 -22.16 -21.51
C GLN B 206 16.65 -21.91 -21.53
N CYS B 207 16.02 -21.99 -20.37
CA CYS B 207 14.56 -21.83 -20.27
C CYS B 207 13.97 -20.61 -20.98
N ILE B 208 14.65 -19.47 -20.96
CA ILE B 208 14.12 -18.27 -21.61
C ILE B 208 14.17 -18.32 -23.13
N LEU B 209 14.41 -19.51 -23.69
CA LEU B 209 14.46 -19.68 -25.13
C LEU B 209 13.16 -20.27 -25.64
N LYS B 210 12.55 -21.11 -24.81
CA LYS B 210 11.29 -21.78 -25.15
C LYS B 210 10.11 -20.81 -25.18
N LYS B 211 9.48 -20.66 -26.34
CA LYS B 211 8.32 -19.80 -26.48
C LYS B 211 7.10 -20.52 -25.93
N PRO B 212 6.27 -19.81 -25.15
CA PRO B 212 5.07 -20.46 -24.59
C PRO B 212 4.02 -20.62 -25.67
N LEU B 213 3.15 -21.61 -25.52
CA LEU B 213 2.08 -21.83 -26.49
C LEU B 213 1.04 -20.73 -26.30
N LYS B 214 0.36 -20.37 -27.36
CA LYS B 214 -0.66 -19.33 -27.27
C LYS B 214 -1.65 -19.66 -26.17
N THR B 215 -1.86 -20.96 -25.94
CA THR B 215 -2.78 -21.41 -24.92
C THR B 215 -2.19 -21.40 -23.52
N ASP B 216 -0.87 -21.44 -23.42
CA ASP B 216 -0.20 -21.42 -22.11
C ASP B 216 -0.35 -20.06 -21.45
N VAL B 217 -0.49 -19.02 -22.26
CA VAL B 217 -0.66 -17.67 -21.74
C VAL B 217 -2.06 -17.55 -21.14
N VAL B 218 -2.14 -17.07 -19.91
CA VAL B 218 -3.43 -16.93 -19.24
C VAL B 218 -3.86 -15.47 -19.14
N SER B 219 -3.06 -14.58 -19.73
CA SER B 219 -3.37 -13.16 -19.70
C SER B 219 -4.28 -12.81 -20.86
N PRO B 220 -5.24 -11.90 -20.63
CA PRO B 220 -6.16 -11.51 -21.71
C PRO B 220 -5.34 -11.05 -22.92
N ALA B 221 -5.61 -11.65 -24.08
CA ALA B 221 -4.89 -11.29 -25.29
C ALA B 221 -4.90 -9.78 -25.47
N VAL B 222 -3.73 -9.24 -25.83
CA VAL B 222 -3.57 -7.81 -26.04
C VAL B 222 -3.00 -7.61 -27.44
N CYS B 223 -3.82 -7.09 -28.34
CA CYS B 223 -3.37 -6.86 -29.71
C CYS B 223 -2.37 -5.72 -29.79
N GLY B 224 -1.16 -6.04 -30.25
CA GLY B 224 -0.13 -5.03 -30.38
C GLY B 224 1.04 -5.25 -29.42
N ASN B 225 0.98 -6.32 -28.65
CA ASN B 225 2.04 -6.62 -27.68
C ASN B 225 3.13 -7.52 -28.26
N TYR B 226 3.19 -7.57 -29.58
CA TYR B 226 4.19 -8.36 -30.30
C TYR B 226 4.14 -9.87 -30.07
N PHE B 227 3.11 -10.35 -29.40
CA PHE B 227 2.98 -11.79 -29.16
C PHE B 227 1.61 -12.26 -29.62
N VAL B 228 1.58 -13.27 -30.47
CA VAL B 228 0.32 -13.81 -30.97
C VAL B 228 -0.32 -14.65 -29.87
N GLU B 229 -1.43 -14.14 -29.34
CA GLU B 229 -2.17 -14.81 -28.28
C GLU B 229 -3.47 -15.36 -28.83
N VAL B 230 -4.12 -16.25 -28.07
CA VAL B 230 -5.38 -16.83 -28.50
C VAL B 230 -6.33 -15.74 -28.99
N GLY B 231 -6.91 -15.96 -30.15
CA GLY B 231 -7.83 -14.98 -30.70
C GLY B 231 -7.16 -14.10 -31.74
N GLU B 232 -5.83 -14.12 -31.76
CA GLU B 232 -5.07 -13.31 -32.70
C GLU B 232 -4.45 -14.20 -33.78
N GLU B 233 -4.23 -13.62 -34.95
CA GLU B 233 -3.62 -14.35 -36.06
C GLU B 233 -2.17 -13.91 -36.23
N CYS B 234 -1.86 -12.74 -35.71
CA CYS B 234 -0.51 -12.19 -35.79
C CYS B 234 -0.44 -10.89 -34.98
N ASP B 235 0.75 -10.54 -34.53
CA ASP B 235 0.93 -9.33 -33.74
C ASP B 235 2.27 -8.66 -34.06
N CYS B 236 2.22 -7.58 -34.84
CA CYS B 236 3.41 -6.85 -35.23
C CYS B 236 3.48 -5.53 -34.47
N GLY B 237 2.72 -5.44 -33.39
CA GLY B 237 2.69 -4.23 -32.59
C GLY B 237 1.61 -3.27 -33.03
N SER B 238 1.81 -1.99 -32.74
CA SER B 238 0.84 -0.96 -33.10
C SER B 238 0.95 -0.64 -34.59
N PRO B 239 -0.13 -0.09 -35.19
CA PRO B 239 -0.12 0.25 -36.61
C PRO B 239 1.06 1.13 -36.98
N ARG B 240 1.48 1.97 -36.04
CA ARG B 240 2.59 2.89 -36.25
C ARG B 240 3.94 2.20 -36.25
N THR B 241 4.11 1.19 -35.40
CA THR B 241 5.38 0.48 -35.31
C THR B 241 5.43 -0.78 -36.16
N CYS B 242 4.26 -1.37 -36.41
CA CYS B 242 4.16 -2.58 -37.19
C CYS B 242 4.96 -2.50 -38.49
N ARG B 243 5.84 -3.47 -38.69
CA ARG B 243 6.67 -3.52 -39.89
C ARG B 243 6.36 -4.72 -40.77
N ASP B 244 5.38 -5.53 -40.35
CA ASP B 244 4.99 -6.71 -41.13
C ASP B 244 3.75 -6.42 -41.98
N PRO B 245 3.92 -6.43 -43.32
CA PRO B 245 2.84 -6.18 -44.26
C PRO B 245 1.78 -7.27 -44.26
N CYS B 246 2.15 -8.44 -43.76
CA CYS B 246 1.24 -9.57 -43.71
C CYS B 246 0.19 -9.42 -42.62
N CYS B 247 0.48 -8.59 -41.64
CA CYS B 247 -0.43 -8.40 -40.51
C CYS B 247 -1.07 -7.02 -40.45
N ASP B 248 -2.29 -6.97 -39.93
CA ASP B 248 -3.02 -5.72 -39.77
C ASP B 248 -2.94 -5.33 -38.30
N ALA B 249 -1.90 -4.59 -37.94
CA ALA B 249 -1.67 -4.15 -36.58
C ALA B 249 -2.90 -3.54 -35.91
N THR B 250 -3.92 -3.19 -36.70
CA THR B 250 -5.12 -2.59 -36.14
C THR B 250 -6.07 -3.61 -35.52
N THR B 251 -6.12 -4.81 -36.09
CA THR B 251 -7.01 -5.85 -35.58
C THR B 251 -6.30 -7.17 -35.28
N CYS B 252 -5.00 -7.21 -35.54
CA CYS B 252 -4.21 -8.42 -35.31
C CYS B 252 -4.72 -9.60 -36.12
N LYS B 253 -5.04 -9.32 -37.37
CA LYS B 253 -5.54 -10.34 -38.30
C LYS B 253 -4.68 -10.32 -39.56
N LEU B 254 -4.59 -11.47 -40.22
CA LEU B 254 -3.82 -11.55 -41.46
C LEU B 254 -4.58 -10.78 -42.51
N ARG B 255 -3.85 -10.16 -43.44
CA ARG B 255 -4.48 -9.40 -44.50
C ARG B 255 -4.77 -10.29 -45.71
N GLN B 256 -5.97 -10.13 -46.25
CA GLN B 256 -6.44 -10.91 -47.40
C GLN B 256 -5.31 -11.46 -48.26
N GLY B 257 -5.36 -12.77 -48.52
CA GLY B 257 -4.34 -13.40 -49.32
C GLY B 257 -3.27 -14.03 -48.45
N ALA B 258 -2.81 -13.26 -47.47
CA ALA B 258 -1.78 -13.72 -46.54
C ALA B 258 -2.26 -14.95 -45.78
N GLN B 259 -1.37 -15.91 -45.61
CA GLN B 259 -1.69 -17.15 -44.91
C GLN B 259 -0.96 -17.19 -43.56
N CYS B 260 0.14 -16.44 -43.49
CA CYS B 260 0.95 -16.34 -42.28
C CYS B 260 1.61 -14.97 -42.25
N ALA B 261 2.22 -14.63 -41.12
CA ALA B 261 2.87 -13.33 -40.98
C ALA B 261 4.35 -13.50 -40.65
N GLU B 262 4.63 -14.05 -39.48
CA GLU B 262 6.00 -14.26 -39.05
C GLU B 262 6.28 -15.76 -39.00
N GLY B 263 7.56 -16.11 -38.97
CA GLY B 263 7.94 -17.51 -38.93
C GLY B 263 9.03 -17.83 -39.94
N LEU B 264 9.72 -18.93 -39.72
CA LEU B 264 10.80 -19.35 -40.62
C LEU B 264 10.25 -19.99 -41.89
N CYS B 265 8.99 -20.40 -41.84
CA CYS B 265 8.35 -21.02 -42.99
C CYS B 265 7.26 -20.13 -43.55
N CYS B 266 7.60 -18.87 -43.76
CA CYS B 266 6.64 -17.91 -44.30
C CYS B 266 7.36 -16.82 -45.06
N ASP B 267 7.10 -16.74 -46.36
CA ASP B 267 7.72 -15.73 -47.20
C ASP B 267 6.63 -14.97 -47.94
N GLN B 268 6.70 -13.64 -47.91
CA GLN B 268 5.73 -12.79 -48.56
C GLN B 268 4.29 -13.18 -48.21
N CYS B 269 4.04 -13.36 -46.91
CA CYS B 269 2.71 -13.70 -46.42
C CYS B 269 2.18 -15.04 -46.90
N ARG B 270 3.09 -15.91 -47.35
CA ARG B 270 2.68 -17.22 -47.83
C ARG B 270 3.56 -18.34 -47.33
N PHE B 271 2.91 -19.43 -46.94
CA PHE B 271 3.60 -20.62 -46.42
C PHE B 271 4.70 -21.03 -47.39
N LYS B 272 5.92 -21.18 -46.89
CA LYS B 272 7.02 -21.61 -47.75
C LYS B 272 6.64 -22.98 -48.30
N GLY B 273 7.13 -23.30 -49.49
CA GLY B 273 6.81 -24.57 -50.09
C GLY B 273 7.22 -25.73 -49.20
N ALA B 274 6.36 -26.74 -49.12
CA ALA B 274 6.63 -27.92 -48.31
C ALA B 274 7.92 -28.57 -48.79
N GLY B 275 8.81 -28.91 -47.86
CA GLY B 275 10.06 -29.53 -48.23
C GLY B 275 11.21 -28.54 -48.21
N THR B 276 10.88 -27.25 -48.21
CA THR B 276 11.91 -26.20 -48.19
C THR B 276 12.53 -26.12 -46.81
N GLU B 277 13.85 -25.98 -46.77
CA GLU B 277 14.58 -25.90 -45.51
C GLU B 277 14.32 -24.55 -44.83
N CYS B 278 14.18 -24.57 -43.51
CA CYS B 278 13.93 -23.34 -42.76
C CYS B 278 15.10 -23.07 -41.81
N ARG B 279 15.61 -24.14 -41.20
CA ARG B 279 16.72 -24.03 -40.26
C ARG B 279 17.82 -25.02 -40.62
N ALA B 280 19.03 -24.50 -40.79
CA ALA B 280 20.17 -25.35 -41.13
C ALA B 280 20.61 -26.16 -39.91
N ALA B 281 21.59 -27.03 -40.10
CA ALA B 281 22.11 -27.85 -39.02
C ALA B 281 23.21 -27.09 -38.28
N LYS B 282 23.08 -26.98 -36.97
CA LYS B 282 24.07 -26.27 -36.16
C LYS B 282 25.25 -27.13 -35.80
N ASP B 283 25.00 -28.40 -35.47
CA ASP B 283 26.06 -29.33 -35.11
C ASP B 283 25.93 -30.65 -35.85
N GLU B 284 26.92 -31.52 -35.67
CA GLU B 284 26.92 -32.82 -36.33
C GLU B 284 25.82 -33.74 -35.81
N CYS B 285 25.03 -33.26 -34.86
CA CYS B 285 23.93 -34.04 -34.32
C CYS B 285 22.61 -33.36 -34.63
N ASP B 286 22.69 -32.20 -35.27
CA ASP B 286 21.50 -31.45 -35.65
C ASP B 286 21.11 -31.77 -37.08
N MET B 287 19.81 -31.88 -37.33
CA MET B 287 19.29 -32.19 -38.66
C MET B 287 18.55 -30.98 -39.22
N ALA B 288 18.98 -30.52 -40.39
CA ALA B 288 18.35 -29.38 -41.04
C ALA B 288 16.84 -29.54 -41.04
N ASP B 289 16.13 -28.53 -40.55
CA ASP B 289 14.67 -28.56 -40.50
C ASP B 289 14.02 -28.20 -41.82
N VAL B 290 12.87 -28.82 -42.08
CA VAL B 290 12.12 -28.61 -43.30
C VAL B 290 10.70 -28.11 -43.03
N CYS B 291 10.16 -27.33 -43.96
CA CYS B 291 8.82 -26.78 -43.82
C CYS B 291 7.75 -27.75 -44.34
N THR B 292 6.66 -27.87 -43.58
CA THR B 292 5.57 -28.77 -43.97
C THR B 292 4.75 -28.14 -45.09
N GLY B 293 4.99 -26.86 -45.35
CA GLY B 293 4.29 -26.17 -46.41
C GLY B 293 2.89 -25.69 -46.06
N ARG B 294 2.21 -26.39 -45.15
CA ARG B 294 0.87 -26.01 -44.75
C ARG B 294 0.81 -25.35 -43.38
N SER B 295 1.99 -25.12 -42.79
CA SER B 295 2.08 -24.48 -41.48
C SER B 295 2.97 -23.27 -41.52
N ALA B 296 2.91 -22.47 -40.46
CA ALA B 296 3.72 -21.26 -40.38
C ALA B 296 5.00 -21.50 -39.58
N GLU B 297 4.93 -22.41 -38.61
CA GLU B 297 6.09 -22.73 -37.78
C GLU B 297 6.98 -23.75 -38.46
N CYS B 298 8.09 -24.09 -37.82
CA CYS B 298 9.03 -25.06 -38.38
C CYS B 298 9.77 -25.80 -37.27
N THR B 299 9.14 -26.85 -36.76
CA THR B 299 9.70 -27.66 -35.70
C THR B 299 11.16 -28.02 -35.92
N ASP B 300 11.90 -28.21 -34.83
CA ASP B 300 13.32 -28.56 -34.90
C ASP B 300 13.50 -30.06 -34.73
N ARG B 301 14.37 -30.64 -35.54
CA ARG B 301 14.64 -32.07 -35.47
C ARG B 301 16.15 -32.30 -35.41
N PHE B 302 16.56 -33.40 -34.79
CA PHE B 302 17.97 -33.72 -34.67
C PHE B 302 18.28 -35.08 -35.28
N GLN B 303 19.56 -35.36 -35.49
CA GLN B 303 19.98 -36.63 -36.05
C GLN B 303 19.45 -37.79 -35.21
N ARG B 304 19.52 -38.99 -35.77
CA ARG B 304 19.04 -40.19 -35.08
C ARG B 304 20.11 -40.62 -34.07
N ASN B 305 19.68 -40.86 -32.84
CA ASN B 305 20.60 -41.28 -31.78
C ASN B 305 21.54 -42.38 -32.25
N GLY B 306 22.77 -42.36 -31.75
CA GLY B 306 23.74 -43.37 -32.12
C GLY B 306 24.69 -42.88 -33.21
N GLN B 307 24.37 -41.74 -33.80
CA GLN B 307 25.21 -41.15 -34.85
C GLN B 307 26.51 -40.65 -34.24
N PRO B 308 27.64 -41.23 -34.68
CA PRO B 308 28.94 -40.80 -34.15
C PRO B 308 29.18 -39.29 -34.24
N CYS B 309 29.61 -38.71 -33.12
CA CYS B 309 29.85 -37.28 -33.04
C CYS B 309 31.15 -36.98 -32.29
N LYS B 310 31.63 -35.74 -32.45
CA LYS B 310 32.85 -35.29 -31.80
C LYS B 310 34.01 -36.27 -31.98
N ASN B 311 34.53 -36.34 -33.21
CA ASN B 311 35.64 -37.21 -33.54
C ASN B 311 35.52 -38.60 -32.90
N ASN B 312 34.35 -39.21 -33.05
CA ASN B 312 34.10 -40.54 -32.50
C ASN B 312 34.43 -40.65 -31.01
N ASN B 313 33.96 -39.69 -30.23
CA ASN B 313 34.18 -39.68 -28.79
C ASN B 313 32.85 -39.87 -28.09
N GLY B 314 31.79 -39.93 -28.88
CA GLY B 314 30.45 -40.10 -28.35
C GLY B 314 29.44 -40.42 -29.42
N TYR B 315 28.17 -40.45 -29.04
CA TYR B 315 27.09 -40.75 -29.98
C TYR B 315 25.91 -39.82 -29.71
N CYS B 316 25.43 -39.17 -30.75
CA CYS B 316 24.32 -38.24 -30.64
C CYS B 316 23.20 -38.77 -29.75
N TYR B 317 22.64 -37.87 -28.94
CA TYR B 317 21.55 -38.24 -28.03
C TYR B 317 20.56 -37.08 -27.95
N ASN B 318 19.50 -37.16 -28.75
CA ASN B 318 18.48 -36.14 -28.77
C ASN B 318 19.03 -34.76 -29.12
N GLY B 319 19.93 -34.71 -30.09
CA GLY B 319 20.50 -33.45 -30.51
C GLY B 319 21.85 -33.11 -29.89
N LYS B 320 22.10 -33.64 -28.69
CA LYS B 320 23.36 -33.38 -28.01
C LYS B 320 24.34 -34.54 -28.17
N CYS B 321 25.62 -34.26 -27.91
CA CYS B 321 26.67 -35.26 -28.00
C CYS B 321 27.32 -35.40 -26.63
N PRO B 322 26.66 -36.09 -25.70
CA PRO B 322 27.16 -36.30 -24.34
C PRO B 322 28.50 -37.03 -24.27
N ILE B 323 29.54 -36.29 -23.93
CA ILE B 323 30.87 -36.86 -23.80
C ILE B 323 31.21 -36.91 -22.31
N MET B 324 31.80 -38.02 -21.89
CA MET B 324 32.16 -38.20 -20.49
C MET B 324 33.20 -37.17 -20.06
N ALA B 325 33.90 -36.59 -21.02
CA ALA B 325 34.92 -35.59 -20.75
C ALA B 325 34.30 -34.23 -20.41
N ASP B 326 33.38 -33.79 -21.25
CA ASP B 326 32.70 -32.50 -21.04
C ASP B 326 31.89 -32.50 -19.76
N GLN B 327 31.40 -33.68 -19.37
CA GLN B 327 30.60 -33.80 -18.16
C GLN B 327 31.45 -33.49 -16.92
N CYS B 328 32.72 -33.90 -16.97
CA CYS B 328 33.63 -33.63 -15.86
C CYS B 328 33.91 -32.14 -15.76
N ILE B 329 33.99 -31.50 -16.93
CA ILE B 329 34.26 -30.07 -17.00
C ILE B 329 33.06 -29.29 -16.46
N ALA B 330 31.89 -29.90 -16.54
CA ALA B 330 30.66 -29.27 -16.08
C ALA B 330 30.47 -29.48 -14.57
N LEU B 331 31.06 -30.54 -14.05
CA LEU B 331 30.95 -30.86 -12.63
C LEU B 331 32.05 -30.25 -11.78
N PHE B 332 33.27 -30.19 -12.32
CA PHE B 332 34.39 -29.66 -11.57
C PHE B 332 35.03 -28.42 -12.19
N GLY B 333 34.72 -28.15 -13.46
CA GLY B 333 35.29 -26.98 -14.11
C GLY B 333 36.40 -27.27 -15.10
N PRO B 334 36.93 -26.22 -15.75
CA PRO B 334 38.02 -26.32 -16.74
C PRO B 334 39.19 -27.16 -16.26
N GLY B 335 39.82 -27.86 -17.20
CA GLY B 335 40.96 -28.69 -16.87
C GLY B 335 40.58 -30.09 -16.39
N ALA B 336 39.33 -30.23 -15.95
CA ALA B 336 38.84 -31.51 -15.46
C ALA B 336 38.89 -32.57 -16.56
N THR B 337 39.23 -33.80 -16.16
CA THR B 337 39.32 -34.91 -17.10
C THR B 337 38.74 -36.19 -16.51
N VAL B 338 38.43 -37.14 -17.38
CA VAL B 338 37.86 -38.41 -16.95
C VAL B 338 38.90 -39.29 -16.26
N SER B 339 38.54 -39.83 -15.09
CA SER B 339 39.46 -40.68 -14.34
C SER B 339 39.71 -41.96 -15.13
N GLN B 340 40.88 -42.57 -14.93
CA GLN B 340 41.21 -43.81 -15.63
C GLN B 340 40.17 -44.88 -15.35
N ASP B 341 40.12 -45.89 -16.23
CA ASP B 341 39.17 -46.99 -16.11
C ASP B 341 39.11 -47.56 -14.70
N ALA B 342 40.27 -47.96 -14.18
CA ALA B 342 40.37 -48.54 -12.85
C ALA B 342 39.46 -47.88 -11.81
N CYS B 343 39.28 -46.57 -11.93
CA CYS B 343 38.44 -45.81 -11.00
C CYS B 343 36.99 -46.26 -10.98
N PHE B 344 36.41 -46.44 -12.16
CA PHE B 344 35.02 -46.85 -12.28
C PHE B 344 34.72 -48.21 -11.67
N GLN B 345 35.77 -48.98 -11.37
CA GLN B 345 35.56 -50.30 -10.78
C GLN B 345 34.88 -50.18 -9.42
N PHE B 346 34.88 -48.97 -8.87
CA PHE B 346 34.25 -48.73 -7.58
C PHE B 346 32.73 -48.81 -7.69
N ASN B 347 32.24 -48.91 -8.91
CA ASN B 347 30.80 -49.00 -9.16
C ASN B 347 30.32 -50.43 -8.95
N ARG B 348 31.24 -51.38 -9.06
CA ARG B 348 30.92 -52.79 -8.89
C ARG B 348 30.65 -53.11 -7.42
N GLU B 349 30.96 -52.16 -6.55
CA GLU B 349 30.76 -52.33 -5.12
C GLU B 349 29.30 -52.10 -4.73
N GLY B 350 28.55 -51.44 -5.61
CA GLY B 350 27.15 -51.18 -5.35
C GLY B 350 26.93 -50.51 -4.00
N ASN B 351 27.96 -49.81 -3.51
CA ASN B 351 27.88 -49.13 -2.23
C ASN B 351 27.00 -47.88 -2.30
N HIS B 352 27.24 -46.95 -1.37
CA HIS B 352 26.47 -45.73 -1.30
C HIS B 352 26.61 -44.80 -2.51
N TYR B 353 27.82 -44.74 -3.09
CA TYR B 353 28.04 -43.87 -4.25
C TYR B 353 28.32 -44.66 -5.52
N GLY B 354 29.05 -45.76 -5.38
CA GLY B 354 29.39 -46.58 -6.53
C GLY B 354 28.34 -47.59 -6.95
N TYR B 355 27.55 -47.23 -7.96
CA TYR B 355 26.50 -48.09 -8.47
C TYR B 355 26.08 -47.62 -9.85
N CYS B 356 25.23 -48.40 -10.53
CA CYS B 356 24.77 -48.04 -11.87
C CYS B 356 23.30 -47.67 -11.96
N ARG B 357 22.45 -48.48 -11.33
CA ARG B 357 21.01 -48.22 -11.38
C ARG B 357 20.38 -48.27 -9.99
N LYS B 358 19.29 -47.55 -9.84
CA LYS B 358 18.57 -47.48 -8.57
C LYS B 358 17.13 -47.93 -8.84
N GLU B 359 16.98 -49.19 -9.21
CA GLU B 359 15.68 -49.78 -9.54
C GLU B 359 14.50 -49.17 -8.77
N GLN B 360 14.49 -49.36 -7.46
CA GLN B 360 13.42 -48.82 -6.63
C GLN B 360 13.95 -47.69 -5.77
N ASN B 361 14.77 -48.05 -4.78
CA ASN B 361 15.39 -47.10 -3.88
C ASN B 361 16.71 -47.69 -3.41
N THR B 362 16.95 -48.93 -3.82
CA THR B 362 18.17 -49.64 -3.48
C THR B 362 19.22 -49.32 -4.54
N LYS B 363 20.43 -49.81 -4.36
CA LYS B 363 21.50 -49.55 -5.31
C LYS B 363 22.11 -50.83 -5.86
N ILE B 364 22.00 -51.03 -7.17
CA ILE B 364 22.54 -52.21 -7.81
C ILE B 364 23.95 -51.96 -8.34
N ALA B 365 24.89 -52.78 -7.89
CA ALA B 365 26.29 -52.65 -8.31
C ALA B 365 26.38 -52.89 -9.81
N CYS B 366 27.22 -52.10 -10.48
CA CYS B 366 27.39 -52.24 -11.92
C CYS B 366 27.94 -53.62 -12.24
N GLU B 367 27.59 -54.12 -13.42
CA GLU B 367 28.10 -55.40 -13.87
C GLU B 367 29.52 -55.11 -14.32
N PRO B 368 30.40 -56.12 -14.30
CA PRO B 368 31.79 -55.87 -14.71
C PRO B 368 31.92 -55.08 -16.01
N GLN B 369 30.92 -55.18 -16.89
CA GLN B 369 30.95 -54.46 -18.18
C GLN B 369 29.97 -53.31 -18.27
N ASP B 370 29.59 -52.75 -17.13
CA ASP B 370 28.66 -51.63 -17.08
C ASP B 370 29.18 -50.56 -16.13
N VAL B 371 30.42 -50.73 -15.69
CA VAL B 371 31.06 -49.80 -14.76
C VAL B 371 31.04 -48.35 -15.23
N LYS B 372 31.45 -48.10 -16.47
CA LYS B 372 31.46 -46.75 -17.01
C LYS B 372 30.09 -46.17 -17.27
N CYS B 373 29.08 -46.65 -16.53
CA CYS B 373 27.72 -46.17 -16.68
C CYS B 373 27.08 -45.83 -15.35
N GLY B 374 27.86 -45.93 -14.29
CA GLY B 374 27.35 -45.63 -12.96
C GLY B 374 27.76 -44.24 -12.52
N ARG B 375 28.52 -44.18 -11.44
CA ARG B 375 28.98 -42.89 -10.91
C ARG B 375 30.14 -42.41 -11.78
N LEU B 376 30.16 -41.11 -12.08
CA LEU B 376 31.22 -40.54 -12.91
C LEU B 376 32.42 -40.16 -12.06
N TYR B 377 33.56 -40.78 -12.35
CA TYR B 377 34.78 -40.49 -11.62
C TYR B 377 35.61 -39.52 -12.45
N CYS B 378 35.82 -38.33 -11.92
CA CYS B 378 36.60 -37.31 -12.62
C CYS B 378 37.94 -37.05 -11.95
N PHE B 379 38.80 -36.33 -12.65
CA PHE B 379 40.13 -35.99 -12.14
C PHE B 379 40.54 -34.62 -12.67
N PRO B 380 40.43 -33.59 -11.83
CA PRO B 380 40.83 -32.25 -12.27
C PRO B 380 42.32 -32.20 -12.57
N ASN B 381 42.66 -32.10 -13.85
CA ASN B 381 44.05 -32.06 -14.31
C ASN B 381 44.80 -30.89 -13.68
N SER B 382 45.18 -31.07 -12.41
CA SER B 382 45.91 -30.05 -11.67
C SER B 382 47.11 -30.67 -10.97
N PRO B 383 48.25 -29.96 -10.96
CA PRO B 383 49.47 -30.44 -10.32
C PRO B 383 49.36 -30.60 -8.80
N GLU B 384 48.16 -30.36 -8.28
CA GLU B 384 47.92 -30.49 -6.85
C GLU B 384 47.18 -31.77 -6.48
N ASN B 385 45.95 -31.89 -6.97
CA ASN B 385 45.13 -33.07 -6.69
C ASN B 385 45.98 -34.34 -6.67
N LYS B 386 45.92 -35.08 -5.57
CA LYS B 386 46.68 -36.30 -5.44
C LYS B 386 45.76 -37.52 -5.41
N ASN B 387 44.58 -37.35 -6.01
CA ASN B 387 43.59 -38.41 -6.07
C ASN B 387 43.10 -38.60 -7.51
N PRO B 388 43.34 -39.78 -8.09
CA PRO B 388 42.91 -40.05 -9.46
C PRO B 388 41.38 -40.20 -9.57
N CYS B 389 40.76 -40.80 -8.56
CA CYS B 389 39.32 -41.00 -8.55
C CYS B 389 38.60 -40.02 -7.62
N ASN B 390 37.69 -39.24 -8.19
CA ASN B 390 36.91 -38.26 -7.43
C ASN B 390 35.51 -38.20 -8.01
N ILE B 391 34.50 -38.37 -7.17
CA ILE B 391 33.11 -38.33 -7.64
C ILE B 391 32.42 -37.05 -7.22
N TYR B 392 31.27 -36.80 -7.84
CA TYR B 392 30.46 -35.63 -7.55
C TYR B 392 29.13 -36.10 -6.99
N TYR B 393 29.00 -36.07 -5.67
CA TYR B 393 27.78 -36.52 -5.00
C TYR B 393 26.91 -35.36 -4.56
N SER B 394 25.63 -35.65 -4.34
CA SER B 394 24.66 -34.68 -3.89
C SER B 394 23.64 -35.36 -2.99
N PRO B 395 23.59 -34.97 -1.71
CA PRO B 395 22.64 -35.56 -0.75
C PRO B 395 21.20 -35.45 -1.20
N ASN B 396 20.89 -34.38 -1.94
CA ASN B 396 19.54 -34.14 -2.44
C ASN B 396 19.17 -35.06 -3.60
N ASP B 397 20.10 -35.22 -4.54
CA ASP B 397 19.87 -36.06 -5.70
C ASP B 397 21.08 -36.98 -5.94
N GLU B 398 20.92 -38.26 -5.65
CA GLU B 398 22.00 -39.23 -5.85
C GLU B 398 22.27 -39.51 -7.32
N ASP B 399 21.40 -39.00 -8.19
CA ASP B 399 21.56 -39.20 -9.63
C ASP B 399 22.57 -38.18 -10.15
N LYS B 400 22.56 -36.99 -9.55
CA LYS B 400 23.50 -35.95 -9.94
C LYS B 400 24.90 -36.52 -9.77
N GLY B 401 25.73 -36.37 -10.79
CA GLY B 401 27.08 -36.89 -10.70
C GLY B 401 27.20 -38.23 -11.39
N MET B 402 26.06 -38.76 -11.85
CA MET B 402 26.04 -40.04 -12.54
C MET B 402 26.25 -39.79 -14.02
N VAL B 403 26.83 -40.77 -14.72
CA VAL B 403 27.09 -40.63 -16.14
C VAL B 403 25.76 -40.40 -16.87
N LEU B 404 25.66 -39.25 -17.54
CA LEU B 404 24.44 -38.91 -18.28
C LEU B 404 24.10 -40.01 -19.28
N PRO B 405 22.79 -40.20 -19.54
CA PRO B 405 22.36 -41.24 -20.49
C PRO B 405 22.77 -40.90 -21.92
N GLY B 406 23.21 -41.91 -22.65
CA GLY B 406 23.62 -41.70 -24.03
C GLY B 406 25.11 -41.43 -24.13
N THR B 407 25.80 -41.46 -23.00
CA THR B 407 27.24 -41.20 -22.98
C THR B 407 28.01 -42.43 -23.44
N LYS B 408 28.80 -42.25 -24.50
CA LYS B 408 29.61 -43.33 -25.05
C LYS B 408 30.40 -43.99 -23.94
N CYS B 409 30.05 -45.24 -23.64
CA CYS B 409 30.71 -46.02 -22.60
C CYS B 409 31.65 -47.05 -23.21
N ALA B 410 31.77 -47.03 -24.53
CA ALA B 410 32.64 -47.96 -25.24
C ALA B 410 32.47 -47.75 -26.74
N ASP B 411 33.09 -48.62 -27.53
CA ASP B 411 32.99 -48.51 -28.99
C ASP B 411 31.62 -48.99 -29.45
N ARG B 412 30.85 -48.07 -30.04
CA ARG B 412 29.52 -48.38 -30.54
C ARG B 412 28.54 -48.70 -29.41
N LYS B 413 28.85 -48.20 -28.21
CA LYS B 413 28.00 -48.41 -27.06
C LYS B 413 27.83 -47.13 -26.25
N ALA B 414 26.69 -46.99 -25.57
CA ALA B 414 26.40 -45.83 -24.76
C ALA B 414 25.56 -46.27 -23.57
N CYS B 415 25.55 -45.48 -22.50
CA CYS B 415 24.78 -45.82 -21.32
C CYS B 415 23.30 -45.53 -21.52
N SER B 416 22.48 -46.57 -21.34
CA SER B 416 21.03 -46.42 -21.51
C SER B 416 20.36 -46.23 -20.15
N ASN B 417 20.42 -47.27 -19.31
CA ASN B 417 19.83 -47.22 -17.98
C ASN B 417 20.77 -47.88 -16.99
N GLY B 418 21.99 -47.35 -16.91
CA GLY B 418 22.97 -47.90 -16.00
C GLY B 418 23.68 -49.08 -16.63
N GLN B 419 23.46 -49.25 -17.94
CA GLN B 419 24.07 -50.34 -18.67
C GLN B 419 24.66 -49.85 -19.99
N CYS B 420 25.82 -50.40 -20.34
CA CYS B 420 26.49 -50.03 -21.58
C CYS B 420 25.94 -50.87 -22.73
N VAL B 421 24.97 -50.30 -23.45
CA VAL B 421 24.32 -50.99 -24.56
C VAL B 421 24.78 -50.46 -25.92
N ASP B 422 24.45 -51.20 -26.97
CA ASP B 422 24.81 -50.80 -28.33
C ASP B 422 24.00 -49.59 -28.77
N VAL B 423 24.63 -48.76 -29.61
CA VAL B 423 23.96 -47.56 -30.11
C VAL B 423 23.27 -47.86 -31.43
N THR B 424 23.13 -49.14 -31.74
CA THR B 424 22.48 -49.58 -32.98
C THR B 424 21.02 -49.93 -32.71
N THR B 425 20.56 -49.64 -31.50
CA THR B 425 19.19 -49.90 -31.10
C THR B 425 18.53 -48.60 -30.66
N PRO B 426 17.35 -48.29 -31.22
CA PRO B 426 16.63 -47.05 -30.87
C PRO B 426 16.56 -46.80 -29.36
N TYR B 427 17.23 -45.74 -28.92
CA TYR B 427 17.24 -45.38 -27.50
C TYR B 427 17.03 -43.88 -27.31
#